data_232D
# 
_entry.id   232D 
# 
_audit_conform.dict_name       mmcif_pdbx.dic 
_audit_conform.dict_version    5.387 
_audit_conform.dict_location   http://mmcif.pdb.org/dictionaries/ascii/mmcif_pdbx.dic 
# 
loop_
_database_2.database_id 
_database_2.database_code 
_database_2.pdbx_database_accession 
_database_2.pdbx_DOI 
PDB   232D         pdb_0000232d 10.2210/pdb232d/pdb 
RCSB  UDJ032       ?            ?                   
WWPDB D_1000177615 ?            ?                   
# 
loop_
_pdbx_audit_revision_history.ordinal 
_pdbx_audit_revision_history.data_content_type 
_pdbx_audit_revision_history.major_revision 
_pdbx_audit_revision_history.minor_revision 
_pdbx_audit_revision_history.revision_date 
1 'Structure model' 1 0 1996-03-22 
2 'Structure model' 1 1 2008-05-22 
3 'Structure model' 1 2 2011-07-13 
4 'Structure model' 1 3 2024-02-14 
# 
_pdbx_audit_revision_details.ordinal             1 
_pdbx_audit_revision_details.revision_ordinal    1 
_pdbx_audit_revision_details.data_content_type   'Structure model' 
_pdbx_audit_revision_details.provider            repository 
_pdbx_audit_revision_details.type                'Initial release' 
_pdbx_audit_revision_details.description         ? 
_pdbx_audit_revision_details.details             ? 
# 
loop_
_pdbx_audit_revision_group.ordinal 
_pdbx_audit_revision_group.revision_ordinal 
_pdbx_audit_revision_group.data_content_type 
_pdbx_audit_revision_group.group 
1 2 'Structure model' 'Version format compliance' 
2 3 'Structure model' 'Version format compliance' 
3 4 'Structure model' 'Data collection'           
4 4 'Structure model' 'Database references'       
5 4 'Structure model' 'Derived calculations'      
# 
loop_
_pdbx_audit_revision_category.ordinal 
_pdbx_audit_revision_category.revision_ordinal 
_pdbx_audit_revision_category.data_content_type 
_pdbx_audit_revision_category.category 
1 4 'Structure model' chem_comp_atom 
2 4 'Structure model' chem_comp_bond 
3 4 'Structure model' database_2     
4 4 'Structure model' diffrn_source  
5 4 'Structure model' struct_site    
# 
loop_
_pdbx_audit_revision_item.ordinal 
_pdbx_audit_revision_item.revision_ordinal 
_pdbx_audit_revision_item.data_content_type 
_pdbx_audit_revision_item.item 
1 4 'Structure model' '_database_2.pdbx_DOI'                 
2 4 'Structure model' '_database_2.pdbx_database_accession'  
3 4 'Structure model' '_diffrn_source.pdbx_synchrotron_site' 
4 4 'Structure model' '_struct_site.pdbx_auth_asym_id'       
5 4 'Structure model' '_struct_site.pdbx_auth_comp_id'       
6 4 'Structure model' '_struct_site.pdbx_auth_seq_id'        
# 
_pdbx_database_status.status_code                     REL 
_pdbx_database_status.entry_id                        232D 
_pdbx_database_status.recvd_initial_deposition_date   1995-09-05 
_pdbx_database_status.deposit_site                    BNL 
_pdbx_database_status.process_site                    NDB 
_pdbx_database_status.SG_entry                        . 
_pdbx_database_status.pdb_format_compatible           Y 
_pdbx_database_status.status_code_mr                  ? 
_pdbx_database_status.status_code_sf                  ? 
_pdbx_database_status.status_code_cs                  ? 
_pdbx_database_status.status_code_nmr_data            ? 
_pdbx_database_status.methods_development_category    ? 
# 
loop_
_audit_author.name 
_audit_author.pdbx_ordinal 
'Nunn, C.M.' 1 
'Neidle, S.' 2 
# 
loop_
_citation.id 
_citation.title 
_citation.journal_abbrev 
_citation.journal_volume 
_citation.page_first 
_citation.page_last 
_citation.year 
_citation.journal_id_ASTM 
_citation.country 
_citation.journal_id_ISSN 
_citation.journal_id_CSD 
_citation.book_publisher 
_citation.pdbx_database_id_PubMed 
_citation.pdbx_database_id_DOI 
primary 'The high resolution crystal structure of the DNA decamer d(AGGCATGCCT).'            J.Mol.Biol.      256 340  351  1996 
JMOBAK UK 0022-2836 0070 ? 8594201 10.1006/jmbi.1996.0090 
1       'The Structure of Chain-linked DNA as a Possible Model for the Transcription Bubble' Nat.Struct.Biol. 2   1060 1061 1995 
NSBIEW US 1072-8368 2024 ? ?       ?                      
# 
loop_
_citation_author.citation_id 
_citation_author.name 
_citation_author.ordinal 
_citation_author.identifier_ORCID 
primary 'Nunn, C.M.' 1 ? 
primary 'Neidle, S.' 2 ? 
1       'Nunn, C.M.' 3 ? 
1       'Neidle, S.' 4 ? 
# 
loop_
_entity.id 
_entity.type 
_entity.src_method 
_entity.pdbx_description 
_entity.formula_weight 
_entity.pdbx_number_of_molecules 
_entity.pdbx_ec 
_entity.pdbx_mutation 
_entity.pdbx_fragment 
_entity.details 
1 polymer     syn 
;DNA (5'-D(*AP*GP*GP*CP*AP*TP*GP*CP*CP*T)-3')
;
3045.005 1  ? ? ? ? 
2 non-polymer syn 'COBALT HEXAMMINE(III)'                        161.116  2  ? ? ? ? 
3 water       nat water                                          18.015   76 ? ? ? ? 
# 
_entity_poly.entity_id                      1 
_entity_poly.type                           polydeoxyribonucleotide 
_entity_poly.nstd_linkage                   no 
_entity_poly.nstd_monomer                   no 
_entity_poly.pdbx_seq_one_letter_code       '(DA)(DG)(DG)(DC)(DA)(DT)(DG)(DC)(DC)(DT)' 
_entity_poly.pdbx_seq_one_letter_code_can   AGGCATGCCT 
_entity_poly.pdbx_strand_id                 A 
_entity_poly.pdbx_target_identifier         ? 
# 
loop_
_pdbx_entity_nonpoly.entity_id 
_pdbx_entity_nonpoly.name 
_pdbx_entity_nonpoly.comp_id 
2 'COBALT HEXAMMINE(III)' NCO 
3 water                   HOH 
# 
loop_
_entity_poly_seq.entity_id 
_entity_poly_seq.num 
_entity_poly_seq.mon_id 
_entity_poly_seq.hetero 
1 1  DA n 
1 2  DG n 
1 3  DG n 
1 4  DC n 
1 5  DA n 
1 6  DT n 
1 7  DG n 
1 8  DC n 
1 9  DC n 
1 10 DT n 
# 
loop_
_chem_comp.id 
_chem_comp.type 
_chem_comp.mon_nstd_flag 
_chem_comp.name 
_chem_comp.pdbx_synonyms 
_chem_comp.formula 
_chem_comp.formula_weight 
DA  'DNA linking' y "2'-DEOXYADENOSINE-5'-MONOPHOSPHATE" ? 'C10 H14 N5 O6 P' 331.222 
DC  'DNA linking' y "2'-DEOXYCYTIDINE-5'-MONOPHOSPHATE"  ? 'C9 H14 N3 O7 P'  307.197 
DG  'DNA linking' y "2'-DEOXYGUANOSINE-5'-MONOPHOSPHATE" ? 'C10 H14 N5 O7 P' 347.221 
DT  'DNA linking' y "THYMIDINE-5'-MONOPHOSPHATE"         ? 'C10 H15 N2 O8 P' 322.208 
HOH non-polymer   . WATER                                ? 'H2 O'            18.015  
NCO non-polymer   . 'COBALT HEXAMMINE(III)'              ? 'Co H18 N6 3'     161.116 
# 
loop_
_pdbx_poly_seq_scheme.asym_id 
_pdbx_poly_seq_scheme.entity_id 
_pdbx_poly_seq_scheme.seq_id 
_pdbx_poly_seq_scheme.mon_id 
_pdbx_poly_seq_scheme.ndb_seq_num 
_pdbx_poly_seq_scheme.pdb_seq_num 
_pdbx_poly_seq_scheme.auth_seq_num 
_pdbx_poly_seq_scheme.pdb_mon_id 
_pdbx_poly_seq_scheme.auth_mon_id 
_pdbx_poly_seq_scheme.pdb_strand_id 
_pdbx_poly_seq_scheme.pdb_ins_code 
_pdbx_poly_seq_scheme.hetero 
A 1 1  DA 1  1  1  DA A A . n 
A 1 2  DG 2  2  2  DG G A . n 
A 1 3  DG 3  3  3  DG G A . n 
A 1 4  DC 4  4  4  DC C A . n 
A 1 5  DA 5  5  5  DA A A . n 
A 1 6  DT 6  6  6  DT T A . n 
A 1 7  DG 7  7  7  DG G A . n 
A 1 8  DC 8  8  8  DC C A . n 
A 1 9  DC 9  9  9  DC C A . n 
A 1 10 DT 10 10 10 DT T A . n 
# 
loop_
_pdbx_nonpoly_scheme.asym_id 
_pdbx_nonpoly_scheme.entity_id 
_pdbx_nonpoly_scheme.mon_id 
_pdbx_nonpoly_scheme.ndb_seq_num 
_pdbx_nonpoly_scheme.pdb_seq_num 
_pdbx_nonpoly_scheme.auth_seq_num 
_pdbx_nonpoly_scheme.pdb_mon_id 
_pdbx_nonpoly_scheme.auth_mon_id 
_pdbx_nonpoly_scheme.pdb_strand_id 
_pdbx_nonpoly_scheme.pdb_ins_code 
B 2 NCO 1  11 11 NCO NCO A . 
C 2 NCO 1  12 12 NCO NCO A . 
D 3 HOH 1  13 13 HOH HOH A . 
D 3 HOH 2  14 14 HOH HOH A . 
D 3 HOH 3  15 15 HOH HOH A . 
D 3 HOH 4  16 16 HOH HOH A . 
D 3 HOH 5  17 17 HOH HOH A . 
D 3 HOH 6  18 18 HOH HOH A . 
D 3 HOH 7  19 19 HOH HOH A . 
D 3 HOH 8  20 20 HOH HOH A . 
D 3 HOH 9  21 21 HOH HOH A . 
D 3 HOH 10 22 22 HOH HOH A . 
D 3 HOH 11 23 23 HOH HOH A . 
D 3 HOH 12 24 24 HOH HOH A . 
D 3 HOH 13 25 25 HOH HOH A . 
D 3 HOH 14 26 26 HOH HOH A . 
D 3 HOH 15 27 27 HOH HOH A . 
D 3 HOH 16 28 28 HOH HOH A . 
D 3 HOH 17 29 29 HOH HOH A . 
D 3 HOH 18 30 30 HOH HOH A . 
D 3 HOH 19 31 31 HOH HOH A . 
D 3 HOH 20 32 32 HOH HOH A . 
D 3 HOH 21 33 33 HOH HOH A . 
D 3 HOH 22 34 34 HOH HOH A . 
D 3 HOH 23 35 35 HOH HOH A . 
D 3 HOH 24 36 36 HOH HOH A . 
D 3 HOH 25 37 37 HOH HOH A . 
D 3 HOH 26 38 38 HOH HOH A . 
D 3 HOH 27 39 39 HOH HOH A . 
D 3 HOH 28 40 40 HOH HOH A . 
D 3 HOH 29 41 41 HOH HOH A . 
D 3 HOH 30 42 42 HOH HOH A . 
D 3 HOH 31 43 43 HOH HOH A . 
D 3 HOH 32 44 44 HOH HOH A . 
D 3 HOH 33 45 45 HOH HOH A . 
D 3 HOH 34 46 46 HOH HOH A . 
D 3 HOH 35 47 47 HOH HOH A . 
D 3 HOH 36 48 48 HOH HOH A . 
D 3 HOH 37 49 49 HOH HOH A . 
D 3 HOH 38 50 50 HOH HOH A . 
D 3 HOH 39 51 51 HOH HOH A . 
D 3 HOH 40 52 52 HOH HOH A . 
D 3 HOH 41 53 53 HOH HOH A . 
D 3 HOH 42 54 54 HOH HOH A . 
D 3 HOH 43 55 55 HOH HOH A . 
D 3 HOH 44 56 56 HOH HOH A . 
D 3 HOH 45 57 57 HOH HOH A . 
D 3 HOH 46 58 58 HOH HOH A . 
D 3 HOH 47 59 59 HOH HOH A . 
D 3 HOH 48 60 60 HOH HOH A . 
D 3 HOH 49 61 61 HOH HOH A . 
D 3 HOH 50 62 62 HOH HOH A . 
D 3 HOH 51 63 63 HOH HOH A . 
D 3 HOH 52 64 64 HOH HOH A . 
D 3 HOH 53 65 65 HOH HOH A . 
D 3 HOH 54 66 66 HOH HOH A . 
D 3 HOH 55 67 67 HOH HOH A . 
D 3 HOH 56 68 68 HOH HOH A . 
D 3 HOH 57 69 69 HOH HOH A . 
D 3 HOH 58 70 70 HOH HOH A . 
D 3 HOH 59 71 71 HOH HOH A . 
D 3 HOH 60 72 72 HOH HOH A . 
D 3 HOH 61 73 73 HOH HOH A . 
D 3 HOH 62 74 74 HOH HOH A . 
D 3 HOH 63 75 75 HOH HOH A . 
D 3 HOH 64 76 76 HOH HOH A . 
D 3 HOH 65 77 77 HOH HOH A . 
D 3 HOH 66 78 78 HOH HOH A . 
D 3 HOH 67 79 79 HOH HOH A . 
D 3 HOH 68 80 80 HOH HOH A . 
D 3 HOH 69 81 81 HOH HOH A . 
D 3 HOH 70 82 82 HOH HOH A . 
D 3 HOH 71 83 83 HOH HOH A . 
D 3 HOH 72 84 84 HOH HOH A . 
D 3 HOH 73 85 85 HOH HOH A . 
D 3 HOH 74 86 86 HOH HOH A . 
D 3 HOH 75 87 87 HOH HOH A . 
D 3 HOH 76 88 88 HOH HOH A . 
# 
loop_
_software.name 
_software.classification 
_software.version 
_software.citation_id 
_software.pdbx_ordinal 
SHELXL-93 refinement       . ? 1 
DENZO     'data reduction' . ? 2 
# 
_cell.entry_id           232D 
_cell.length_a           32.700 
_cell.length_b           32.700 
_cell.length_c           78.700 
_cell.angle_alpha        90.00 
_cell.angle_beta         90.00 
_cell.angle_gamma        120.00 
_cell.Z_PDB              12 
_cell.pdbx_unique_axis   ? 
# 
_symmetry.entry_id                         232D 
_symmetry.space_group_name_H-M             'P 61 2 2' 
_symmetry.pdbx_full_space_group_name_H-M   ? 
_symmetry.cell_setting                     ? 
_symmetry.Int_Tables_number                178 
# 
_exptl.entry_id          232D 
_exptl.method            'X-RAY DIFFRACTION' 
_exptl.crystals_number   ? 
# 
_exptl_crystal.id                    1 
_exptl_crystal.density_meas          ? 
_exptl_crystal.density_percent_sol   35.74 
_exptl_crystal.density_Matthews      1.91 
_exptl_crystal.description           ? 
# 
_exptl_crystal_grow.crystal_id      1 
_exptl_crystal_grow.method          'VAPOR DIFFUSION, SITTING DROP' 
_exptl_crystal_grow.temp            287.00 
_exptl_crystal_grow.temp_details    ? 
_exptl_crystal_grow.pH              7.00 
_exptl_crystal_grow.pdbx_details    'pH 7.00, VAPOR DIFFUSION, SITTING DROP, temperature 287.00K' 
_exptl_crystal_grow.pdbx_pH_range   . 
# 
loop_
_exptl_crystal_grow_comp.crystal_id 
_exptl_crystal_grow_comp.id 
_exptl_crystal_grow_comp.sol_id 
_exptl_crystal_grow_comp.name 
_exptl_crystal_grow_comp.volume 
_exptl_crystal_grow_comp.conc 
_exptl_crystal_grow_comp.details 
1 1 1 WATER           ? ? ? 
1 2 1 MPD             ? ? ? 
1 3 1 'NA CACODYLATE' ? ? ? 
1 4 1 '[CO(NH3)6]CL3' ? ? ? 
1 5 1 NH4OH           ? ? ? 
1 6 2 WATER           ? ? ? 
1 7 2 MPD             ? ? ? 
# 
_diffrn.id                     1 
_diffrn.ambient_temp           ? 
_diffrn.ambient_temp_details   ? 
_diffrn.crystal_id             1 
# 
_diffrn_detector.diffrn_id              1 
_diffrn_detector.detector               'IMAGE PLATE' 
_diffrn_detector.type                   MARRESEARCH 
_diffrn_detector.pdbx_collection_date   ? 
_diffrn_detector.details                ? 
# 
_diffrn_radiation.diffrn_id                        1 
_diffrn_radiation.wavelength_id                    1 
_diffrn_radiation.pdbx_monochromatic_or_laue_m_l   M 
_diffrn_radiation.monochromator                    ? 
_diffrn_radiation.pdbx_diffrn_protocol             'SINGLE WAVELENGTH' 
_diffrn_radiation.pdbx_scattering_type             x-ray 
# 
_diffrn_radiation_wavelength.id           1 
_diffrn_radiation_wavelength.wavelength   . 
_diffrn_radiation_wavelength.wt           1.0 
# 
_diffrn_source.diffrn_id                   1 
_diffrn_source.source                      SYNCHROTRON 
_diffrn_source.type                        'EMBL/DESY, HAMBURG BEAMLINE BW7B' 
_diffrn_source.pdbx_synchrotron_site       'EMBL/DESY, HAMBURG' 
_diffrn_source.pdbx_synchrotron_beamline   BW7B 
_diffrn_source.pdbx_wavelength             ? 
_diffrn_source.pdbx_wavelength_list        ? 
# 
_reflns.entry_id                     232D 
_reflns.observed_criterion_sigma_I   ? 
_reflns.observed_criterion_sigma_F   ? 
_reflns.d_resolution_low             ? 
_reflns.d_resolution_high            1.300 
_reflns.number_obs                   6494 
_reflns.number_all                   ? 
_reflns.percent_possible_obs         ? 
_reflns.pdbx_Rmerge_I_obs            0.0630000 
_reflns.pdbx_Rsym_value              ? 
_reflns.pdbx_netI_over_sigmaI        ? 
_reflns.B_iso_Wilson_estimate        ? 
_reflns.pdbx_redundancy              ? 
_reflns.R_free_details               ? 
_reflns.pdbx_diffrn_id               1 
_reflns.pdbx_ordinal                 1 
# 
_refine.entry_id                                 232D 
_refine.ls_number_reflns_obs                     6494 
_refine.ls_number_reflns_all                     6494 
_refine.pdbx_ls_sigma_I                          ? 
_refine.pdbx_ls_sigma_F                          0.000 
_refine.pdbx_data_cutoff_high_absF               ? 
_refine.pdbx_data_cutoff_low_absF                ? 
_refine.pdbx_data_cutoff_high_rms_absF           ? 
_refine.ls_d_res_low                             8.000 
_refine.ls_d_res_high                            1.300 
_refine.ls_percent_reflns_obs                    98.200 
_refine.ls_R_factor_obs                          0.1385000 
_refine.ls_R_factor_all                          ? 
_refine.ls_R_factor_R_work                       ? 
_refine.ls_R_factor_R_free                       0.2160000 
_refine.ls_R_factor_R_free_error                 ? 
_refine.ls_R_factor_R_free_error_details         ? 
_refine.ls_percent_reflns_R_free                 ? 
_refine.ls_number_reflns_R_free                  ? 
_refine.ls_number_parameters                     ? 
_refine.ls_number_restraints                     ? 
_refine.occupancy_min                            ? 
_refine.occupancy_max                            ? 
_refine.B_iso_mean                               ? 
_refine.aniso_B[1][1]                            ? 
_refine.aniso_B[2][2]                            ? 
_refine.aniso_B[3][3]                            ? 
_refine.aniso_B[1][2]                            ? 
_refine.aniso_B[1][3]                            ? 
_refine.aniso_B[2][3]                            ? 
_refine.solvent_model_details                    ? 
_refine.solvent_model_param_ksol                 ? 
_refine.solvent_model_param_bsol                 ? 
_refine.pdbx_ls_cross_valid_method               ? 
_refine.details                                  ? 
_refine.pdbx_starting_model                      ? 
_refine.pdbx_method_to_determine_struct          ? 
_refine.pdbx_isotropic_thermal_model             ? 
_refine.pdbx_stereochemistry_target_values       ? 
_refine.pdbx_stereochem_target_val_spec_case     ? 
_refine.pdbx_R_Free_selection_details            ? 
_refine.pdbx_overall_ESU_R                       ? 
_refine.pdbx_overall_ESU_R_Free                  ? 
_refine.overall_SU_ML                            ? 
_refine.overall_SU_B                             ? 
_refine.ls_redundancy_reflns_obs                 ? 
_refine.correlation_coeff_Fo_to_Fc               ? 
_refine.correlation_coeff_Fo_to_Fc_free          ? 
_refine.pdbx_solvent_vdw_probe_radii             ? 
_refine.pdbx_solvent_ion_probe_radii             ? 
_refine.pdbx_solvent_shrinkage_radii             ? 
_refine.overall_SU_R_Cruickshank_DPI             ? 
_refine.overall_SU_R_free                        ? 
_refine.pdbx_refine_id                           'X-RAY DIFFRACTION' 
_refine.pdbx_diffrn_id                           1 
_refine.pdbx_TLS_residual_ADP_flag               ? 
_refine.pdbx_overall_phase_error                 ? 
_refine.pdbx_overall_SU_R_free_Cruickshank_DPI   ? 
_refine.pdbx_overall_SU_R_Blow_DPI               ? 
_refine.pdbx_overall_SU_R_free_Blow_DPI          ? 
# 
_refine_hist.pdbx_refine_id                   'X-RAY DIFFRACTION' 
_refine_hist.cycle_id                         LAST 
_refine_hist.pdbx_number_atoms_protein        0 
_refine_hist.pdbx_number_atoms_nucleic_acid   202 
_refine_hist.pdbx_number_atoms_ligand         14 
_refine_hist.number_atoms_solvent             76 
_refine_hist.number_atoms_total               292 
_refine_hist.d_res_high                       1.300 
_refine_hist.d_res_low                        8.000 
# 
loop_
_refine_ls_restr.type 
_refine_ls_restr.dev_ideal 
_refine_ls_restr.dev_ideal_target 
_refine_ls_restr.weight 
_refine_ls_restr.number 
_refine_ls_restr.pdbx_refine_id 
_refine_ls_restr.pdbx_restraint_function 
s_bond_d               0.019 ? ? ? 'X-RAY DIFFRACTION' ? 
s_angle_d              ?     ? ? ? 'X-RAY DIFFRACTION' ? 
s_similar_dist         ?     ? ? ? 'X-RAY DIFFRACTION' ? 
s_from_restr_planes    ?     ? ? ? 'X-RAY DIFFRACTION' ? 
s_zero_chiral_vol      ?     ? ? ? 'X-RAY DIFFRACTION' ? 
s_non_zero_chiral_vol  ?     ? ? ? 'X-RAY DIFFRACTION' ? 
s_anti_bump_dis_restr  ?     ? ? ? 'X-RAY DIFFRACTION' ? 
s_rigid_bond_adp_cmpnt ?     ? ? ? 'X-RAY DIFFRACTION' ? 
s_similar_adp_cmpnt    ?     ? ? ? 'X-RAY DIFFRACTION' ? 
s_approx_iso_adps      ?     ? ? ? 'X-RAY DIFFRACTION' ? 
# 
_pdbx_refine.entry_id                                    232D 
_pdbx_refine.R_factor_all_no_cutoff                      ? 
_pdbx_refine.R_factor_obs_no_cutoff                      0.1390000 
_pdbx_refine.free_R_factor_no_cutoff                     0.2160000 
_pdbx_refine.free_R_val_test_set_size_perc_no_cutoff     ? 
_pdbx_refine.free_R_val_test_set_ct_no_cutoff            ? 
_pdbx_refine.R_factor_all_4sig_cutoff                    ? 
_pdbx_refine.R_factor_obs_4sig_cutoff                    ? 
_pdbx_refine.free_R_factor_4sig_cutoff                   ? 
_pdbx_refine.free_R_val_test_set_size_perc_4sig_cutoff   ? 
_pdbx_refine.free_R_val_test_set_ct_4sig_cutoff          ? 
_pdbx_refine.number_reflns_obs_4sig_cutoff               ? 
_pdbx_refine.number_reflns_obs_no_cutoff                 ? 
_pdbx_refine.pdbx_refine_id                              'X-RAY DIFFRACTION' 
_pdbx_refine.free_R_error_no_cutoff                      ? 
# 
_struct.entry_id                  232D 
_struct.title                     'THE HIGH RESOLUTION CRYSTAL STRUCTURE OF THE DNA DECAMER D(AGGCATGCCT)' 
_struct.pdbx_model_details        ? 
_struct.pdbx_CASP_flag            ? 
_struct.pdbx_model_type_details   ? 
# 
_struct_keywords.entry_id        232D 
_struct_keywords.pdbx_keywords   DNA 
_struct_keywords.text            'A-DNA, DOUBLE HELIX, FLIPPED-OUT BASES, DNA' 
# 
loop_
_struct_asym.id 
_struct_asym.pdbx_blank_PDB_chainid_flag 
_struct_asym.pdbx_modified 
_struct_asym.entity_id 
_struct_asym.details 
A N N 1 ? 
B N N 2 ? 
C N N 2 ? 
D N N 3 ? 
# 
_struct_ref.id                         1 
_struct_ref.entity_id                  1 
_struct_ref.db_name                    PDB 
_struct_ref.db_code                    232D 
_struct_ref.pdbx_db_accession          232D 
_struct_ref.pdbx_db_isoform            ? 
_struct_ref.pdbx_seq_one_letter_code   ? 
_struct_ref.pdbx_align_begin           ? 
# 
_struct_ref_seq.align_id                      1 
_struct_ref_seq.ref_id                        1 
_struct_ref_seq.pdbx_PDB_id_code              232D 
_struct_ref_seq.pdbx_strand_id                A 
_struct_ref_seq.seq_align_beg                 1 
_struct_ref_seq.pdbx_seq_align_beg_ins_code   ? 
_struct_ref_seq.seq_align_end                 10 
_struct_ref_seq.pdbx_seq_align_end_ins_code   ? 
_struct_ref_seq.pdbx_db_accession             232D 
_struct_ref_seq.db_align_beg                  1 
_struct_ref_seq.pdbx_db_align_beg_ins_code    ? 
_struct_ref_seq.db_align_end                  10 
_struct_ref_seq.pdbx_db_align_end_ins_code    ? 
_struct_ref_seq.pdbx_auth_seq_align_beg       1 
_struct_ref_seq.pdbx_auth_seq_align_end       10 
# 
_pdbx_struct_assembly.id                   1 
_pdbx_struct_assembly.details              author_defined_assembly 
_pdbx_struct_assembly.method_details       ? 
_pdbx_struct_assembly.oligomeric_details   dimeric 
_pdbx_struct_assembly.oligomeric_count     2 
# 
_pdbx_struct_assembly_gen.assembly_id       1 
_pdbx_struct_assembly_gen.oper_expression   1,2 
_pdbx_struct_assembly_gen.asym_id_list      A,B,C,D 
# 
loop_
_pdbx_struct_oper_list.id 
_pdbx_struct_oper_list.type 
_pdbx_struct_oper_list.name 
_pdbx_struct_oper_list.symmetry_operation 
_pdbx_struct_oper_list.matrix[1][1] 
_pdbx_struct_oper_list.matrix[1][2] 
_pdbx_struct_oper_list.matrix[1][3] 
_pdbx_struct_oper_list.vector[1] 
_pdbx_struct_oper_list.matrix[2][1] 
_pdbx_struct_oper_list.matrix[2][2] 
_pdbx_struct_oper_list.matrix[2][3] 
_pdbx_struct_oper_list.vector[2] 
_pdbx_struct_oper_list.matrix[3][1] 
_pdbx_struct_oper_list.matrix[3][2] 
_pdbx_struct_oper_list.matrix[3][3] 
_pdbx_struct_oper_list.vector[3] 
1 'identity operation'         1_555  x,y,z         1.0000000000 0.0000000000 0.0000000000 0.0000000000  0.0000000000 1.0000000000  0.0000000000 0.0000000000  0.0000000000 0.0000000000 1.0000000000  0.0000000000 
2 'crystal symmetry operation' 11_555 -x+y,y,-z+1/2 0.7552686100 0.6175107919 0.2196582541 -0.5619111428 0.6175107919 -0.7827571370 0.0772766867 -0.4338496079 0.2196582541 0.0772766867 -0.9725114730 5.7098323521 
# 
_struct_biol.id                    1 
_struct_biol.pdbx_parent_biol_id   ? 
_struct_biol.details               ? 
# 
loop_
_struct_conn.id 
_struct_conn.conn_type_id 
_struct_conn.pdbx_leaving_atom_flag 
_struct_conn.pdbx_PDB_id 
_struct_conn.ptnr1_label_asym_id 
_struct_conn.ptnr1_label_comp_id 
_struct_conn.ptnr1_label_seq_id 
_struct_conn.ptnr1_label_atom_id 
_struct_conn.pdbx_ptnr1_label_alt_id 
_struct_conn.pdbx_ptnr1_PDB_ins_code 
_struct_conn.pdbx_ptnr1_standard_comp_id 
_struct_conn.ptnr1_symmetry 
_struct_conn.ptnr2_label_asym_id 
_struct_conn.ptnr2_label_comp_id 
_struct_conn.ptnr2_label_seq_id 
_struct_conn.ptnr2_label_atom_id 
_struct_conn.pdbx_ptnr2_label_alt_id 
_struct_conn.pdbx_ptnr2_PDB_ins_code 
_struct_conn.ptnr1_auth_asym_id 
_struct_conn.ptnr1_auth_comp_id 
_struct_conn.ptnr1_auth_seq_id 
_struct_conn.ptnr2_auth_asym_id 
_struct_conn.ptnr2_auth_comp_id 
_struct_conn.ptnr2_auth_seq_id 
_struct_conn.ptnr2_symmetry 
_struct_conn.pdbx_ptnr3_label_atom_id 
_struct_conn.pdbx_ptnr3_label_seq_id 
_struct_conn.pdbx_ptnr3_label_comp_id 
_struct_conn.pdbx_ptnr3_label_asym_id 
_struct_conn.pdbx_ptnr3_label_alt_id 
_struct_conn.pdbx_ptnr3_PDB_ins_code 
_struct_conn.details 
_struct_conn.pdbx_dist_value 
_struct_conn.pdbx_value_order 
_struct_conn.pdbx_role 
hydrog1  hydrog ? ? A DG 2 N1 ? ? ? 1_555 A DC 9 N3 ? ? A DG 2 A DC 9 11_555 ? ? ? ? ? ? WATSON-CRICK ? ? ? 
hydrog2  hydrog ? ? A DG 2 N2 ? ? ? 1_555 A DC 9 O2 ? ? A DG 2 A DC 9 11_555 ? ? ? ? ? ? WATSON-CRICK ? ? ? 
hydrog3  hydrog ? ? A DG 2 O6 ? ? ? 1_555 A DC 9 N4 ? ? A DG 2 A DC 9 11_555 ? ? ? ? ? ? WATSON-CRICK ? ? ? 
hydrog4  hydrog ? ? A DG 3 N1 ? ? ? 1_555 A DC 8 N3 ? ? A DG 3 A DC 8 11_555 ? ? ? ? ? ? WATSON-CRICK ? ? ? 
hydrog5  hydrog ? ? A DG 3 N2 ? ? ? 1_555 A DC 8 O2 ? ? A DG 3 A DC 8 11_555 ? ? ? ? ? ? WATSON-CRICK ? ? ? 
hydrog6  hydrog ? ? A DG 3 O6 ? ? ? 1_555 A DC 8 N4 ? ? A DG 3 A DC 8 11_555 ? ? ? ? ? ? WATSON-CRICK ? ? ? 
hydrog7  hydrog ? ? A DC 4 N3 ? ? ? 1_555 A DG 7 N1 ? ? A DC 4 A DG 7 11_555 ? ? ? ? ? ? WATSON-CRICK ? ? ? 
hydrog8  hydrog ? ? A DC 4 N4 ? ? ? 1_555 A DG 7 O6 ? ? A DC 4 A DG 7 11_555 ? ? ? ? ? ? WATSON-CRICK ? ? ? 
hydrog9  hydrog ? ? A DC 4 O2 ? ? ? 1_555 A DG 7 N2 ? ? A DC 4 A DG 7 11_555 ? ? ? ? ? ? WATSON-CRICK ? ? ? 
hydrog10 hydrog ? ? A DA 5 N1 ? ? ? 1_555 A DT 6 N3 ? ? A DA 5 A DT 6 11_555 ? ? ? ? ? ? WATSON-CRICK ? ? ? 
hydrog11 hydrog ? ? A DA 5 N6 ? ? ? 1_555 A DT 6 O4 ? ? A DA 5 A DT 6 11_555 ? ? ? ? ? ? WATSON-CRICK ? ? ? 
hydrog12 hydrog ? ? A DT 6 N3 ? ? ? 1_555 A DA 5 N1 ? ? A DT 6 A DA 5 11_555 ? ? ? ? ? ? WATSON-CRICK ? ? ? 
hydrog13 hydrog ? ? A DT 6 O4 ? ? ? 1_555 A DA 5 N6 ? ? A DT 6 A DA 5 11_555 ? ? ? ? ? ? WATSON-CRICK ? ? ? 
hydrog14 hydrog ? ? A DG 7 N1 ? ? ? 1_555 A DC 4 N3 ? ? A DG 7 A DC 4 11_555 ? ? ? ? ? ? WATSON-CRICK ? ? ? 
hydrog15 hydrog ? ? A DG 7 N2 ? ? ? 1_555 A DC 4 O2 ? ? A DG 7 A DC 4 11_555 ? ? ? ? ? ? WATSON-CRICK ? ? ? 
hydrog16 hydrog ? ? A DG 7 O6 ? ? ? 1_555 A DC 4 N4 ? ? A DG 7 A DC 4 11_555 ? ? ? ? ? ? WATSON-CRICK ? ? ? 
hydrog17 hydrog ? ? A DC 8 N3 ? ? ? 1_555 A DG 3 N1 ? ? A DC 8 A DG 3 11_555 ? ? ? ? ? ? WATSON-CRICK ? ? ? 
hydrog18 hydrog ? ? A DC 8 N4 ? ? ? 1_555 A DG 3 O6 ? ? A DC 8 A DG 3 11_555 ? ? ? ? ? ? WATSON-CRICK ? ? ? 
hydrog19 hydrog ? ? A DC 8 O2 ? ? ? 1_555 A DG 3 N2 ? ? A DC 8 A DG 3 11_555 ? ? ? ? ? ? WATSON-CRICK ? ? ? 
hydrog20 hydrog ? ? A DC 9 N3 ? ? ? 1_555 A DG 2 N1 ? ? A DC 9 A DG 2 11_555 ? ? ? ? ? ? WATSON-CRICK ? ? ? 
hydrog21 hydrog ? ? A DC 9 N4 ? ? ? 1_555 A DG 2 O6 ? ? A DC 9 A DG 2 11_555 ? ? ? ? ? ? WATSON-CRICK ? ? ? 
hydrog22 hydrog ? ? A DC 9 O2 ? ? ? 1_555 A DG 2 N2 ? ? A DC 9 A DG 2 11_555 ? ? ? ? ? ? WATSON-CRICK ? ? ? 
# 
_struct_conn_type.id          hydrog 
_struct_conn_type.criteria    ? 
_struct_conn_type.reference   ? 
# 
loop_
_struct_site.id 
_struct_site.pdbx_evidence_code 
_struct_site.pdbx_auth_asym_id 
_struct_site.pdbx_auth_comp_id 
_struct_site.pdbx_auth_seq_id 
_struct_site.pdbx_auth_ins_code 
_struct_site.pdbx_num_residues 
_struct_site.details 
AC1 Software A NCO 11 ? 11 'BINDING SITE FOR RESIDUE NCO A 11' 
AC2 Software A NCO 12 ? 14 'BINDING SITE FOR RESIDUE NCO A 12' 
# 
loop_
_struct_site_gen.id 
_struct_site_gen.site_id 
_struct_site_gen.pdbx_num_res 
_struct_site_gen.label_comp_id 
_struct_site_gen.label_asym_id 
_struct_site_gen.label_seq_id 
_struct_site_gen.pdbx_auth_ins_code 
_struct_site_gen.auth_comp_id 
_struct_site_gen.auth_asym_id 
_struct_site_gen.auth_seq_id 
_struct_site_gen.label_atom_id 
_struct_site_gen.label_alt_id 
_struct_site_gen.symmetry 
_struct_site_gen.details 
1  AC1 11 DA  A 1  ? DA  A 1  . ? 11_555 ? 
2  AC1 11 DG  A 2  ? DG  A 2  . ? 11_555 ? 
3  AC1 11 DG  A 3  ? DG  A 3  . ? 11_555 ? 
4  AC1 11 DC  A 4  ? DC  A 4  . ? 11_555 ? 
5  AC1 11 DG  A 7  ? DG  A 7  . ? 1_555  ? 
6  AC1 11 HOH D .  ? HOH A 19 . ? 1_555  ? 
7  AC1 11 HOH D .  ? HOH A 24 . ? 1_555  ? 
8  AC1 11 HOH D .  ? HOH A 25 . ? 1_555  ? 
9  AC1 11 HOH D .  ? HOH A 33 . ? 11_555 ? 
10 AC1 11 HOH D .  ? HOH A 51 . ? 1_555  ? 
11 AC1 11 HOH D .  ? HOH A 66 . ? 1_555  ? 
12 AC2 14 DG  A 3  ? DG  A 3  . ? 1_555  ? 
13 AC2 14 DG  A 7  ? DG  A 7  . ? 6_655  ? 
14 AC2 14 DC  A 8  ? DC  A 8  . ? 6_655  ? 
15 AC2 14 DC  A 9  ? DC  A 9  . ? 7_455  ? 
16 AC2 14 DT  A 10 ? DT  A 10 . ? 7_455  ? 
17 AC2 14 DT  A 10 ? DT  A 10 . ? 2_665  ? 
18 AC2 14 HOH D .  ? HOH A 23 . ? 2_665  ? 
19 AC2 14 HOH D .  ? HOH A 34 . ? 2_665  ? 
20 AC2 14 HOH D .  ? HOH A 39 . ? 11_555 ? 
21 AC2 14 HOH D .  ? HOH A 42 . ? 1_555  ? 
22 AC2 14 HOH D .  ? HOH A 46 . ? 1_555  ? 
23 AC2 14 HOH D .  ? HOH A 49 . ? 1_555  ? 
24 AC2 14 HOH D .  ? HOH A 56 . ? 11_555 ? 
25 AC2 14 HOH D .  ? HOH A 58 . ? 1_555  ? 
# 
loop_
_pdbx_validate_rmsd_bond.id 
_pdbx_validate_rmsd_bond.PDB_model_num 
_pdbx_validate_rmsd_bond.auth_atom_id_1 
_pdbx_validate_rmsd_bond.auth_asym_id_1 
_pdbx_validate_rmsd_bond.auth_comp_id_1 
_pdbx_validate_rmsd_bond.auth_seq_id_1 
_pdbx_validate_rmsd_bond.PDB_ins_code_1 
_pdbx_validate_rmsd_bond.label_alt_id_1 
_pdbx_validate_rmsd_bond.auth_atom_id_2 
_pdbx_validate_rmsd_bond.auth_asym_id_2 
_pdbx_validate_rmsd_bond.auth_comp_id_2 
_pdbx_validate_rmsd_bond.auth_seq_id_2 
_pdbx_validate_rmsd_bond.PDB_ins_code_2 
_pdbx_validate_rmsd_bond.label_alt_id_2 
_pdbx_validate_rmsd_bond.bond_value 
_pdbx_validate_rmsd_bond.bond_target_value 
_pdbx_validate_rmsd_bond.bond_deviation 
_pdbx_validate_rmsd_bond.bond_standard_deviation 
_pdbx_validate_rmsd_bond.linker_flag 
1 1 "C3'" A DA 1  ? ? "C2'" A DA 1  ? ? 1.462 1.516 -0.054 0.008 N 
2 1 "C2'" A DA 1  ? ? "C1'" A DA 1  ? ? 1.449 1.518 -0.069 0.010 N 
3 1 "C2'" A DA 5  ? ? "C1'" A DA 5  ? ? 1.430 1.518 -0.088 0.010 N 
4 1 N7    A DA 5  ? ? C8    A DA 5  ? ? 1.262 1.311 -0.049 0.007 N 
5 1 "C2'" A DG 7  ? ? "C1'" A DG 7  ? ? 1.446 1.518 -0.072 0.010 N 
6 1 "O4'" A DC 8  ? ? "C1'" A DC 8  ? ? 1.341 1.418 -0.077 0.012 N 
7 1 "C2'" A DC 9  ? ? "C1'" A DC 9  ? ? 1.436 1.518 -0.082 0.010 N 
8 1 "C2'" A DT 10 ? ? "C1'" A DT 10 ? ? 1.457 1.518 -0.061 0.010 N 
# 
loop_
_pdbx_validate_rmsd_angle.id 
_pdbx_validate_rmsd_angle.PDB_model_num 
_pdbx_validate_rmsd_angle.auth_atom_id_1 
_pdbx_validate_rmsd_angle.auth_asym_id_1 
_pdbx_validate_rmsd_angle.auth_comp_id_1 
_pdbx_validate_rmsd_angle.auth_seq_id_1 
_pdbx_validate_rmsd_angle.PDB_ins_code_1 
_pdbx_validate_rmsd_angle.label_alt_id_1 
_pdbx_validate_rmsd_angle.auth_atom_id_2 
_pdbx_validate_rmsd_angle.auth_asym_id_2 
_pdbx_validate_rmsd_angle.auth_comp_id_2 
_pdbx_validate_rmsd_angle.auth_seq_id_2 
_pdbx_validate_rmsd_angle.PDB_ins_code_2 
_pdbx_validate_rmsd_angle.label_alt_id_2 
_pdbx_validate_rmsd_angle.auth_atom_id_3 
_pdbx_validate_rmsd_angle.auth_asym_id_3 
_pdbx_validate_rmsd_angle.auth_comp_id_3 
_pdbx_validate_rmsd_angle.auth_seq_id_3 
_pdbx_validate_rmsd_angle.PDB_ins_code_3 
_pdbx_validate_rmsd_angle.label_alt_id_3 
_pdbx_validate_rmsd_angle.angle_value 
_pdbx_validate_rmsd_angle.angle_target_value 
_pdbx_validate_rmsd_angle.angle_deviation 
_pdbx_validate_rmsd_angle.angle_standard_deviation 
_pdbx_validate_rmsd_angle.linker_flag 
1  1 "C4'" A DA 1  ? ? "C3'" A DA 1  ? ? "C2'" A DA 1  ? ? 108.74 103.10 5.64  0.90 N 
2  1 "O4'" A DA 1  ? ? "C1'" A DA 1  ? ? N9    A DA 1  ? ? 111.11 108.30 2.81  0.30 N 
3  1 C2    A DA 1  ? ? N3    A DA 1  ? ? C4    A DA 1  ? ? 107.00 110.60 -3.60 0.50 N 
4  1 C4    A DA 1  ? ? C5    A DA 1  ? ? C6    A DA 1  ? ? 120.44 117.00 3.44  0.50 N 
5  1 C5    A DA 1  ? ? C6    A DA 1  ? ? N1    A DA 1  ? ? 113.99 117.70 -3.71 0.50 N 
6  1 N1    A DA 1  ? ? C6    A DA 1  ? ? N6    A DA 1  ? ? 124.59 118.60 5.99  0.60 N 
7  1 "O4'" A DG 2  ? ? "C4'" A DG 2  ? ? "C3'" A DG 2  ? ? 101.96 104.50 -2.54 0.40 N 
8  1 "O4'" A DG 3  ? ? "C4'" A DG 3  ? ? "C3'" A DG 3  ? ? 100.56 104.50 -3.94 0.40 N 
9  1 C2    A DG 3  ? ? N3    A DG 3  ? ? C4    A DG 3  ? ? 108.29 111.90 -3.61 0.50 N 
10 1 C8    A DG 3  ? ? N9    A DG 3  ? ? C4    A DG 3  ? ? 103.96 106.40 -2.44 0.40 N 
11 1 N3    A DG 3  ? ? C4    A DG 3  ? ? N9    A DG 3  ? ? 121.93 126.00 -4.07 0.60 N 
12 1 "O4'" A DC 4  ? ? "C4'" A DC 4  ? ? "C3'" A DC 4  ? ? 101.33 104.50 -3.17 0.40 N 
13 1 "O4'" A DC 4  ? ? "C1'" A DC 4  ? ? N1    A DC 4  ? ? 111.70 108.30 3.40  0.30 N 
14 1 C4    A DC 4  ? ? C5    A DC 4  ? ? C6    A DC 4  ? ? 113.59 117.40 -3.81 0.50 N 
15 1 C5    A DC 4  ? ? C6    A DC 4  ? ? N1    A DC 4  ? ? 126.25 121.00 5.25  0.50 N 
16 1 "O4'" A DA 5  ? ? "C4'" A DA 5  ? ? "C3'" A DA 5  ? ? 101.04 104.50 -3.46 0.40 N 
17 1 C4    A DA 5  ? ? C5    A DA 5  ? ? C6    A DA 5  ? ? 120.16 117.00 3.16  0.50 N 
18 1 C5    A DA 5  ? ? C6    A DA 5  ? ? N1    A DA 5  ? ? 113.95 117.70 -3.75 0.50 N 
19 1 "O4'" A DT 6  ? ? "C4'" A DT 6  ? ? "C3'" A DT 6  ? ? 100.55 104.50 -3.95 0.40 N 
20 1 C2    A DG 7  ? ? N3    A DG 7  ? ? C4    A DG 7  ? ? 108.36 111.90 -3.54 0.50 N 
21 1 "O4'" A DC 8  ? ? "C1'" A DC 8  ? ? N1    A DC 8  ? ? 114.95 108.30 6.65  0.30 N 
22 1 "C4'" A DC 9  ? ? "C3'" A DC 9  ? ? "C2'" A DC 9  ? ? 108.55 103.10 5.45  0.90 N 
23 1 "O4'" A DC 9  ? ? "C1'" A DC 9  ? ? N1    A DC 9  ? ? 101.19 108.00 -6.81 0.70 N 
24 1 N1    A DC 9  ? ? C2    A DC 9  ? ? O2    A DC 9  ? ? 124.07 118.90 5.17  0.60 N 
25 1 "O4'" A DT 10 ? ? "C4'" A DT 10 ? ? "C3'" A DT 10 ? ? 100.11 104.50 -4.39 0.40 N 
26 1 "O4'" A DT 10 ? ? "C1'" A DT 10 ? ? N1    A DT 10 ? ? 112.58 108.30 4.28  0.30 N 
27 1 N3    A DT 10 ? ? C4    A DT 10 ? ? O4    A DT 10 ? ? 125.26 119.90 5.36  0.60 N 
# 
loop_
_pdbx_struct_special_symmetry.id 
_pdbx_struct_special_symmetry.PDB_model_num 
_pdbx_struct_special_symmetry.auth_asym_id 
_pdbx_struct_special_symmetry.auth_comp_id 
_pdbx_struct_special_symmetry.auth_seq_id 
_pdbx_struct_special_symmetry.PDB_ins_code 
_pdbx_struct_special_symmetry.label_asym_id 
_pdbx_struct_special_symmetry.label_comp_id 
_pdbx_struct_special_symmetry.label_seq_id 
1 1 A HOH 16 ? D HOH . 
2 1 A HOH 41 ? D HOH . 
3 1 A HOH 76 ? D HOH . 
4 1 A HOH 77 ? D HOH . 
5 1 A HOH 85 ? D HOH . 
# 
loop_
_refine_B_iso.class 
_refine_B_iso.details 
_refine_B_iso.treatment 
_refine_B_iso.pdbx_refine_id 
'ALL ATOMS'  TR isotropic 'X-RAY DIFFRACTION' 
'ALL WATERS' TR isotropic 'X-RAY DIFFRACTION' 
# 
loop_
_refine_occupancy.class 
_refine_occupancy.treatment 
_refine_occupancy.pdbx_refine_id 
'ALL ATOMS'  fix 'X-RAY DIFFRACTION' 
'ALL WATERS' fix 'X-RAY DIFFRACTION' 
# 
loop_
_chem_comp_atom.comp_id 
_chem_comp_atom.atom_id 
_chem_comp_atom.type_symbol 
_chem_comp_atom.pdbx_aromatic_flag 
_chem_comp_atom.pdbx_stereo_config 
_chem_comp_atom.pdbx_ordinal 
DA  OP3    O  N N 1   
DA  P      P  N N 2   
DA  OP1    O  N N 3   
DA  OP2    O  N N 4   
DA  "O5'"  O  N N 5   
DA  "C5'"  C  N N 6   
DA  "C4'"  C  N R 7   
DA  "O4'"  O  N N 8   
DA  "C3'"  C  N S 9   
DA  "O3'"  O  N N 10  
DA  "C2'"  C  N N 11  
DA  "C1'"  C  N R 12  
DA  N9     N  Y N 13  
DA  C8     C  Y N 14  
DA  N7     N  Y N 15  
DA  C5     C  Y N 16  
DA  C6     C  Y N 17  
DA  N6     N  N N 18  
DA  N1     N  Y N 19  
DA  C2     C  Y N 20  
DA  N3     N  Y N 21  
DA  C4     C  Y N 22  
DA  HOP3   H  N N 23  
DA  HOP2   H  N N 24  
DA  "H5'"  H  N N 25  
DA  "H5''" H  N N 26  
DA  "H4'"  H  N N 27  
DA  "H3'"  H  N N 28  
DA  "HO3'" H  N N 29  
DA  "H2'"  H  N N 30  
DA  "H2''" H  N N 31  
DA  "H1'"  H  N N 32  
DA  H8     H  N N 33  
DA  H61    H  N N 34  
DA  H62    H  N N 35  
DA  H2     H  N N 36  
DC  OP3    O  N N 37  
DC  P      P  N N 38  
DC  OP1    O  N N 39  
DC  OP2    O  N N 40  
DC  "O5'"  O  N N 41  
DC  "C5'"  C  N N 42  
DC  "C4'"  C  N R 43  
DC  "O4'"  O  N N 44  
DC  "C3'"  C  N S 45  
DC  "O3'"  O  N N 46  
DC  "C2'"  C  N N 47  
DC  "C1'"  C  N R 48  
DC  N1     N  N N 49  
DC  C2     C  N N 50  
DC  O2     O  N N 51  
DC  N3     N  N N 52  
DC  C4     C  N N 53  
DC  N4     N  N N 54  
DC  C5     C  N N 55  
DC  C6     C  N N 56  
DC  HOP3   H  N N 57  
DC  HOP2   H  N N 58  
DC  "H5'"  H  N N 59  
DC  "H5''" H  N N 60  
DC  "H4'"  H  N N 61  
DC  "H3'"  H  N N 62  
DC  "HO3'" H  N N 63  
DC  "H2'"  H  N N 64  
DC  "H2''" H  N N 65  
DC  "H1'"  H  N N 66  
DC  H41    H  N N 67  
DC  H42    H  N N 68  
DC  H5     H  N N 69  
DC  H6     H  N N 70  
DG  OP3    O  N N 71  
DG  P      P  N N 72  
DG  OP1    O  N N 73  
DG  OP2    O  N N 74  
DG  "O5'"  O  N N 75  
DG  "C5'"  C  N N 76  
DG  "C4'"  C  N R 77  
DG  "O4'"  O  N N 78  
DG  "C3'"  C  N S 79  
DG  "O3'"  O  N N 80  
DG  "C2'"  C  N N 81  
DG  "C1'"  C  N R 82  
DG  N9     N  Y N 83  
DG  C8     C  Y N 84  
DG  N7     N  Y N 85  
DG  C5     C  Y N 86  
DG  C6     C  N N 87  
DG  O6     O  N N 88  
DG  N1     N  N N 89  
DG  C2     C  N N 90  
DG  N2     N  N N 91  
DG  N3     N  N N 92  
DG  C4     C  Y N 93  
DG  HOP3   H  N N 94  
DG  HOP2   H  N N 95  
DG  "H5'"  H  N N 96  
DG  "H5''" H  N N 97  
DG  "H4'"  H  N N 98  
DG  "H3'"  H  N N 99  
DG  "HO3'" H  N N 100 
DG  "H2'"  H  N N 101 
DG  "H2''" H  N N 102 
DG  "H1'"  H  N N 103 
DG  H8     H  N N 104 
DG  H1     H  N N 105 
DG  H21    H  N N 106 
DG  H22    H  N N 107 
DT  OP3    O  N N 108 
DT  P      P  N N 109 
DT  OP1    O  N N 110 
DT  OP2    O  N N 111 
DT  "O5'"  O  N N 112 
DT  "C5'"  C  N N 113 
DT  "C4'"  C  N R 114 
DT  "O4'"  O  N N 115 
DT  "C3'"  C  N S 116 
DT  "O3'"  O  N N 117 
DT  "C2'"  C  N N 118 
DT  "C1'"  C  N R 119 
DT  N1     N  N N 120 
DT  C2     C  N N 121 
DT  O2     O  N N 122 
DT  N3     N  N N 123 
DT  C4     C  N N 124 
DT  O4     O  N N 125 
DT  C5     C  N N 126 
DT  C7     C  N N 127 
DT  C6     C  N N 128 
DT  HOP3   H  N N 129 
DT  HOP2   H  N N 130 
DT  "H5'"  H  N N 131 
DT  "H5''" H  N N 132 
DT  "H4'"  H  N N 133 
DT  "H3'"  H  N N 134 
DT  "HO3'" H  N N 135 
DT  "H2'"  H  N N 136 
DT  "H2''" H  N N 137 
DT  "H1'"  H  N N 138 
DT  H3     H  N N 139 
DT  H71    H  N N 140 
DT  H72    H  N N 141 
DT  H73    H  N N 142 
DT  H6     H  N N 143 
HOH O      O  N N 144 
HOH H1     H  N N 145 
HOH H2     H  N N 146 
NCO CO     CO N N 147 
NCO N1     N  N N 148 
NCO N2     N  N N 149 
NCO N3     N  N N 150 
NCO N4     N  N N 151 
NCO N5     N  N N 152 
NCO N6     N  N N 153 
NCO HN11   H  N N 154 
NCO HN12   H  N N 155 
NCO HN13   H  N N 156 
NCO HN21   H  N N 157 
NCO HN22   H  N N 158 
NCO HN23   H  N N 159 
NCO HN31   H  N N 160 
NCO HN32   H  N N 161 
NCO HN33   H  N N 162 
NCO HN41   H  N N 163 
NCO HN42   H  N N 164 
NCO HN43   H  N N 165 
NCO HN51   H  N N 166 
NCO HN52   H  N N 167 
NCO HN53   H  N N 168 
NCO HN61   H  N N 169 
NCO HN62   H  N N 170 
NCO HN63   H  N N 171 
# 
loop_
_chem_comp_bond.comp_id 
_chem_comp_bond.atom_id_1 
_chem_comp_bond.atom_id_2 
_chem_comp_bond.value_order 
_chem_comp_bond.pdbx_aromatic_flag 
_chem_comp_bond.pdbx_stereo_config 
_chem_comp_bond.pdbx_ordinal 
DA  OP3   P      sing N N 1   
DA  OP3   HOP3   sing N N 2   
DA  P     OP1    doub N N 3   
DA  P     OP2    sing N N 4   
DA  P     "O5'"  sing N N 5   
DA  OP2   HOP2   sing N N 6   
DA  "O5'" "C5'"  sing N N 7   
DA  "C5'" "C4'"  sing N N 8   
DA  "C5'" "H5'"  sing N N 9   
DA  "C5'" "H5''" sing N N 10  
DA  "C4'" "O4'"  sing N N 11  
DA  "C4'" "C3'"  sing N N 12  
DA  "C4'" "H4'"  sing N N 13  
DA  "O4'" "C1'"  sing N N 14  
DA  "C3'" "O3'"  sing N N 15  
DA  "C3'" "C2'"  sing N N 16  
DA  "C3'" "H3'"  sing N N 17  
DA  "O3'" "HO3'" sing N N 18  
DA  "C2'" "C1'"  sing N N 19  
DA  "C2'" "H2'"  sing N N 20  
DA  "C2'" "H2''" sing N N 21  
DA  "C1'" N9     sing N N 22  
DA  "C1'" "H1'"  sing N N 23  
DA  N9    C8     sing Y N 24  
DA  N9    C4     sing Y N 25  
DA  C8    N7     doub Y N 26  
DA  C8    H8     sing N N 27  
DA  N7    C5     sing Y N 28  
DA  C5    C6     sing Y N 29  
DA  C5    C4     doub Y N 30  
DA  C6    N6     sing N N 31  
DA  C6    N1     doub Y N 32  
DA  N6    H61    sing N N 33  
DA  N6    H62    sing N N 34  
DA  N1    C2     sing Y N 35  
DA  C2    N3     doub Y N 36  
DA  C2    H2     sing N N 37  
DA  N3    C4     sing Y N 38  
DC  OP3   P      sing N N 39  
DC  OP3   HOP3   sing N N 40  
DC  P     OP1    doub N N 41  
DC  P     OP2    sing N N 42  
DC  P     "O5'"  sing N N 43  
DC  OP2   HOP2   sing N N 44  
DC  "O5'" "C5'"  sing N N 45  
DC  "C5'" "C4'"  sing N N 46  
DC  "C5'" "H5'"  sing N N 47  
DC  "C5'" "H5''" sing N N 48  
DC  "C4'" "O4'"  sing N N 49  
DC  "C4'" "C3'"  sing N N 50  
DC  "C4'" "H4'"  sing N N 51  
DC  "O4'" "C1'"  sing N N 52  
DC  "C3'" "O3'"  sing N N 53  
DC  "C3'" "C2'"  sing N N 54  
DC  "C3'" "H3'"  sing N N 55  
DC  "O3'" "HO3'" sing N N 56  
DC  "C2'" "C1'"  sing N N 57  
DC  "C2'" "H2'"  sing N N 58  
DC  "C2'" "H2''" sing N N 59  
DC  "C1'" N1     sing N N 60  
DC  "C1'" "H1'"  sing N N 61  
DC  N1    C2     sing N N 62  
DC  N1    C6     sing N N 63  
DC  C2    O2     doub N N 64  
DC  C2    N3     sing N N 65  
DC  N3    C4     doub N N 66  
DC  C4    N4     sing N N 67  
DC  C4    C5     sing N N 68  
DC  N4    H41    sing N N 69  
DC  N4    H42    sing N N 70  
DC  C5    C6     doub N N 71  
DC  C5    H5     sing N N 72  
DC  C6    H6     sing N N 73  
DG  OP3   P      sing N N 74  
DG  OP3   HOP3   sing N N 75  
DG  P     OP1    doub N N 76  
DG  P     OP2    sing N N 77  
DG  P     "O5'"  sing N N 78  
DG  OP2   HOP2   sing N N 79  
DG  "O5'" "C5'"  sing N N 80  
DG  "C5'" "C4'"  sing N N 81  
DG  "C5'" "H5'"  sing N N 82  
DG  "C5'" "H5''" sing N N 83  
DG  "C4'" "O4'"  sing N N 84  
DG  "C4'" "C3'"  sing N N 85  
DG  "C4'" "H4'"  sing N N 86  
DG  "O4'" "C1'"  sing N N 87  
DG  "C3'" "O3'"  sing N N 88  
DG  "C3'" "C2'"  sing N N 89  
DG  "C3'" "H3'"  sing N N 90  
DG  "O3'" "HO3'" sing N N 91  
DG  "C2'" "C1'"  sing N N 92  
DG  "C2'" "H2'"  sing N N 93  
DG  "C2'" "H2''" sing N N 94  
DG  "C1'" N9     sing N N 95  
DG  "C1'" "H1'"  sing N N 96  
DG  N9    C8     sing Y N 97  
DG  N9    C4     sing Y N 98  
DG  C8    N7     doub Y N 99  
DG  C8    H8     sing N N 100 
DG  N7    C5     sing Y N 101 
DG  C5    C6     sing N N 102 
DG  C5    C4     doub Y N 103 
DG  C6    O6     doub N N 104 
DG  C6    N1     sing N N 105 
DG  N1    C2     sing N N 106 
DG  N1    H1     sing N N 107 
DG  C2    N2     sing N N 108 
DG  C2    N3     doub N N 109 
DG  N2    H21    sing N N 110 
DG  N2    H22    sing N N 111 
DG  N3    C4     sing N N 112 
DT  OP3   P      sing N N 113 
DT  OP3   HOP3   sing N N 114 
DT  P     OP1    doub N N 115 
DT  P     OP2    sing N N 116 
DT  P     "O5'"  sing N N 117 
DT  OP2   HOP2   sing N N 118 
DT  "O5'" "C5'"  sing N N 119 
DT  "C5'" "C4'"  sing N N 120 
DT  "C5'" "H5'"  sing N N 121 
DT  "C5'" "H5''" sing N N 122 
DT  "C4'" "O4'"  sing N N 123 
DT  "C4'" "C3'"  sing N N 124 
DT  "C4'" "H4'"  sing N N 125 
DT  "O4'" "C1'"  sing N N 126 
DT  "C3'" "O3'"  sing N N 127 
DT  "C3'" "C2'"  sing N N 128 
DT  "C3'" "H3'"  sing N N 129 
DT  "O3'" "HO3'" sing N N 130 
DT  "C2'" "C1'"  sing N N 131 
DT  "C2'" "H2'"  sing N N 132 
DT  "C2'" "H2''" sing N N 133 
DT  "C1'" N1     sing N N 134 
DT  "C1'" "H1'"  sing N N 135 
DT  N1    C2     sing N N 136 
DT  N1    C6     sing N N 137 
DT  C2    O2     doub N N 138 
DT  C2    N3     sing N N 139 
DT  N3    C4     sing N N 140 
DT  N3    H3     sing N N 141 
DT  C4    O4     doub N N 142 
DT  C4    C5     sing N N 143 
DT  C5    C7     sing N N 144 
DT  C5    C6     doub N N 145 
DT  C7    H71    sing N N 146 
DT  C7    H72    sing N N 147 
DT  C7    H73    sing N N 148 
DT  C6    H6     sing N N 149 
HOH O     H1     sing N N 150 
HOH O     H2     sing N N 151 
NCO CO    N1     sing N N 152 
NCO CO    N2     sing N N 153 
NCO CO    N3     sing N N 154 
NCO CO    N4     sing N N 155 
NCO CO    N5     sing N N 156 
NCO CO    N6     sing N N 157 
NCO N1    HN11   sing N N 158 
NCO N1    HN12   sing N N 159 
NCO N1    HN13   sing N N 160 
NCO N2    HN21   sing N N 161 
NCO N2    HN22   sing N N 162 
NCO N2    HN23   sing N N 163 
NCO N3    HN31   sing N N 164 
NCO N3    HN32   sing N N 165 
NCO N3    HN33   sing N N 166 
NCO N4    HN41   sing N N 167 
NCO N4    HN42   sing N N 168 
NCO N4    HN43   sing N N 169 
NCO N5    HN51   sing N N 170 
NCO N5    HN52   sing N N 171 
NCO N5    HN53   sing N N 172 
NCO N6    HN61   sing N N 173 
NCO N6    HN62   sing N N 174 
NCO N6    HN63   sing N N 175 
# 
_ndb_struct_conf_na.entry_id   232D 
_ndb_struct_conf_na.feature    'a-form double helix' 
# 
loop_
_ndb_struct_na_base_pair.model_number 
_ndb_struct_na_base_pair.i_label_asym_id 
_ndb_struct_na_base_pair.i_label_comp_id 
_ndb_struct_na_base_pair.i_label_seq_id 
_ndb_struct_na_base_pair.i_symmetry 
_ndb_struct_na_base_pair.j_label_asym_id 
_ndb_struct_na_base_pair.j_label_comp_id 
_ndb_struct_na_base_pair.j_label_seq_id 
_ndb_struct_na_base_pair.j_symmetry 
_ndb_struct_na_base_pair.shear 
_ndb_struct_na_base_pair.stretch 
_ndb_struct_na_base_pair.stagger 
_ndb_struct_na_base_pair.buckle 
_ndb_struct_na_base_pair.propeller 
_ndb_struct_na_base_pair.opening 
_ndb_struct_na_base_pair.pair_number 
_ndb_struct_na_base_pair.pair_name 
_ndb_struct_na_base_pair.i_auth_asym_id 
_ndb_struct_na_base_pair.i_auth_seq_id 
_ndb_struct_na_base_pair.i_PDB_ins_code 
_ndb_struct_na_base_pair.j_auth_asym_id 
_ndb_struct_na_base_pair.j_auth_seq_id 
_ndb_struct_na_base_pair.j_PDB_ins_code 
_ndb_struct_na_base_pair.hbond_type_28 
_ndb_struct_na_base_pair.hbond_type_12 
1 A DG 2 1_555 A DC 9 11_555 -0.105 -0.138 0.184  1.148   -7.045  -2.482 1 A_DG2:DC9_A A 2 ? A 9 ? 19 1 
1 A DG 3 1_555 A DC 8 11_555 -0.170 -0.127 -0.322 -12.557 -10.032 -1.198 2 A_DG3:DC8_A A 3 ? A 8 ? 19 1 
1 A DC 4 1_555 A DG 7 11_555 0.186  -0.133 -0.014 1.052   -14.616 1.756  3 A_DC4:DG7_A A 4 ? A 7 ? 19 1 
1 A DA 5 1_555 A DT 6 11_555 0.003  -0.077 -0.094 -3.258  -12.562 -2.390 4 A_DA5:DT6_A A 5 ? A 6 ? 20 1 
1 A DT 6 1_555 A DA 5 11_555 -0.003 -0.077 -0.094 3.258   -12.562 -2.390 5 A_DT6:DA5_A A 6 ? A 5 ? 20 1 
1 A DG 7 1_555 A DC 4 11_555 -0.186 -0.133 -0.014 -1.052  -14.616 1.756  6 A_DG7:DC4_A A 7 ? A 4 ? 19 1 
1 A DC 8 1_555 A DG 3 11_555 0.170  -0.127 -0.322 12.557  -10.032 -1.198 7 A_DC8:DG3_A A 8 ? A 3 ? 19 1 
1 A DC 9 1_555 A DG 2 11_555 0.105  -0.138 0.184  -1.148  -7.045  -2.482 8 A_DC9:DG2_A A 9 ? A 2 ? 19 1 
# 
loop_
_ndb_struct_na_base_pair_step.model_number 
_ndb_struct_na_base_pair_step.i_label_asym_id_1 
_ndb_struct_na_base_pair_step.i_label_comp_id_1 
_ndb_struct_na_base_pair_step.i_label_seq_id_1 
_ndb_struct_na_base_pair_step.i_symmetry_1 
_ndb_struct_na_base_pair_step.j_label_asym_id_1 
_ndb_struct_na_base_pair_step.j_label_comp_id_1 
_ndb_struct_na_base_pair_step.j_label_seq_id_1 
_ndb_struct_na_base_pair_step.j_symmetry_1 
_ndb_struct_na_base_pair_step.i_label_asym_id_2 
_ndb_struct_na_base_pair_step.i_label_comp_id_2 
_ndb_struct_na_base_pair_step.i_label_seq_id_2 
_ndb_struct_na_base_pair_step.i_symmetry_2 
_ndb_struct_na_base_pair_step.j_label_asym_id_2 
_ndb_struct_na_base_pair_step.j_label_comp_id_2 
_ndb_struct_na_base_pair_step.j_label_seq_id_2 
_ndb_struct_na_base_pair_step.j_symmetry_2 
_ndb_struct_na_base_pair_step.shift 
_ndb_struct_na_base_pair_step.slide 
_ndb_struct_na_base_pair_step.rise 
_ndb_struct_na_base_pair_step.tilt 
_ndb_struct_na_base_pair_step.roll 
_ndb_struct_na_base_pair_step.twist 
_ndb_struct_na_base_pair_step.x_displacement 
_ndb_struct_na_base_pair_step.y_displacement 
_ndb_struct_na_base_pair_step.helical_rise 
_ndb_struct_na_base_pair_step.inclination 
_ndb_struct_na_base_pair_step.tip 
_ndb_struct_na_base_pair_step.helical_twist 
_ndb_struct_na_base_pair_step.step_number 
_ndb_struct_na_base_pair_step.step_name 
_ndb_struct_na_base_pair_step.i_auth_asym_id_1 
_ndb_struct_na_base_pair_step.i_auth_seq_id_1 
_ndb_struct_na_base_pair_step.i_PDB_ins_code_1 
_ndb_struct_na_base_pair_step.j_auth_asym_id_1 
_ndb_struct_na_base_pair_step.j_auth_seq_id_1 
_ndb_struct_na_base_pair_step.j_PDB_ins_code_1 
_ndb_struct_na_base_pair_step.i_auth_asym_id_2 
_ndb_struct_na_base_pair_step.i_auth_seq_id_2 
_ndb_struct_na_base_pair_step.i_PDB_ins_code_2 
_ndb_struct_na_base_pair_step.j_auth_asym_id_2 
_ndb_struct_na_base_pair_step.j_auth_seq_id_2 
_ndb_struct_na_base_pair_step.j_PDB_ins_code_2 
1 A DG 2 1_555 A DC 9 11_555 A DG 3 1_555 A DC 8 11_555 0.518  -1.499 3.641 6.766  4.446  37.049 -2.936 0.157  3.483 6.896  
-10.495 37.893 1 AA_DG2DG3:DC8DC9_AA A 2 ? A 9 ? A 3 ? A 8 ? 
1 A DG 3 1_555 A DC 8 11_555 A DC 4 1_555 A DG 7 11_555 0.055  -0.830 3.043 -2.671 9.122  31.907 -2.817 -0.496 2.697 16.151 4.728 
33.258 2 AA_DG3DC4:DG7DC8_AA A 3 ? A 8 ? A 4 ? A 7 ? 
1 A DC 4 1_555 A DG 7 11_555 A DA 5 1_555 A DT 6 11_555 -0.584 -1.227 3.346 0.018  14.302 31.917 -4.102 0.976  2.578 24.528 -0.030 
34.899 3 AA_DC4DA5:DT6DG7_AA A 4 ? A 7 ? A 5 ? A 6 ? 
1 A DA 5 1_555 A DT 6 11_555 A DT 6 1_555 A DA 5 11_555 0.000  -0.927 3.225 0.000  7.418  30.608 -3.031 0.000  2.926 13.799 0.000 
31.474 4 AA_DA5DT6:DA5DT6_AA A 5 ? A 6 ? A 6 ? A 5 ? 
1 A DT 6 1_555 A DA 5 11_555 A DG 7 1_555 A DC 4 11_555 0.584  -1.227 3.346 -0.018 14.302 31.917 -4.102 -0.976 2.578 24.528 0.030 
34.899 5 AA_DT6DG7:DC4DA5_AA A 6 ? A 5 ? A 7 ? A 4 ? 
1 A DG 7 1_555 A DC 4 11_555 A DC 8 1_555 A DG 3 11_555 -0.055 -0.830 3.043 2.671  9.122  31.907 -2.817 0.496  2.697 16.151 -4.728 
33.258 6 AA_DG7DC8:DG3DC4_AA A 7 ? A 4 ? A 8 ? A 3 ? 
1 A DC 8 1_555 A DG 3 11_555 A DC 9 1_555 A DG 2 11_555 -0.518 -1.499 3.641 -6.766 4.446  37.049 -2.936 -0.157 3.483 6.896  10.495 
37.893 7 AA_DC8DC9:DG2DG3_AA A 8 ? A 3 ? A 9 ? A 2 ? 
# 
_atom_sites.entry_id                    232D 
_atom_sites.fract_transf_matrix[1][1]   0.02027852 
_atom_sites.fract_transf_matrix[1][2]   -0.01321572 
_atom_sites.fract_transf_matrix[1][3]   0.02571105 
_atom_sites.fract_transf_matrix[2][1]   0.03308104 
_atom_sites.fract_transf_matrix[2][2]   0.01163805 
_atom_sites.fract_transf_matrix[2][3]   0.00413984 
_atom_sites.fract_transf_matrix[3][1]   -0.00416448 
_atom_sites.fract_transf_matrix[3][2]   0.00901992 
_atom_sites.fract_transf_matrix[3][3]   0.00792089 
_atom_sites.fract_transf_vector[1]      0.352294 
_atom_sites.fract_transf_vector[2]      0.845734 
_atom_sites.fract_transf_vector[3]      0.228164 
# 
loop_
_atom_type.symbol 
C  
CO 
N  
O  
P  
# 
loop_
_atom_site.group_PDB 
_atom_site.id 
_atom_site.type_symbol 
_atom_site.label_atom_id 
_atom_site.label_alt_id 
_atom_site.label_comp_id 
_atom_site.label_asym_id 
_atom_site.label_entity_id 
_atom_site.label_seq_id 
_atom_site.pdbx_PDB_ins_code 
_atom_site.Cartn_x 
_atom_site.Cartn_y 
_atom_site.Cartn_z 
_atom_site.occupancy 
_atom_site.B_iso_or_equiv 
_atom_site.pdbx_formal_charge 
_atom_site.auth_seq_id 
_atom_site.auth_comp_id 
_atom_site.auth_asym_id 
_atom_site.auth_atom_id 
_atom_site.pdbx_PDB_model_num 
ATOM   1   O  "O5'" . DA  A 1 1  ? -9.565  -6.483  11.325  1.00 36.29 ? 1  DA  A "O5'" 1 
ATOM   2   C  "C5'" . DA  A 1 1  ? -8.398  -5.696  11.735  1.00 26.82 ? 1  DA  A "C5'" 1 
ATOM   3   C  "C4'" . DA  A 1 1  ? -7.235  -6.287  11.013  1.00 24.22 ? 1  DA  A "C4'" 1 
ATOM   4   O  "O4'" . DA  A 1 1  ? -6.963  -7.558  11.636  1.00 26.11 ? 1  DA  A "O4'" 1 
ATOM   5   C  "C3'" . DA  A 1 1  ? -7.420  -6.600  9.588   1.00 24.76 ? 1  DA  A "C3'" 1 
ATOM   6   O  "O3'" . DA  A 1 1  ? -6.491  -5.789  8.779   1.00 23.30 ? 1  DA  A "O3'" 1 
ATOM   7   C  "C2'" . DA  A 1 1  ? -7.138  -8.019  9.379   1.00 25.10 ? 1  DA  A "C2'" 1 
ATOM   8   C  "C1'" . DA  A 1 1  ? -7.202  -8.578  10.715  1.00 24.93 ? 1  DA  A "C1'" 1 
ATOM   9   N  N9    . DA  A 1 1  ? -8.428  -9.298  11.035  1.00 23.14 ? 1  DA  A N9    1 
ATOM   10  C  C8    . DA  A 1 1  ? -9.666  -9.302  10.515  1.00 24.88 ? 1  DA  A C8    1 
ATOM   11  N  N7    . DA  A 1 1  ? -10.530 -10.125 11.145  1.00 24.23 ? 1  DA  A N7    1 
ATOM   12  C  C5    . DA  A 1 1  ? -9.755  -10.674 12.134  1.00 22.70 ? 1  DA  A C5    1 
ATOM   13  C  C6    . DA  A 1 1  ? -10.110 -11.617 13.114  1.00 23.25 ? 1  DA  A C6    1 
ATOM   14  N  N6    . DA  A 1 1  ? -11.323 -12.114 13.180  1.00 24.31 ? 1  DA  A N6    1 
ATOM   15  N  N1    . DA  A 1 1  ? -9.121  -11.944 13.928  1.00 26.80 ? 1  DA  A N1    1 
ATOM   16  C  C2    . DA  A 1 1  ? -7.902  -11.367 13.768  1.00 27.43 ? 1  DA  A C2    1 
ATOM   17  N  N3    . DA  A 1 1  ? -7.454  -10.478 12.902  1.00 25.72 ? 1  DA  A N3    1 
ATOM   18  C  C4    . DA  A 1 1  ? -8.481  -10.172 12.082  1.00 23.16 ? 1  DA  A C4    1 
ATOM   19  P  P     . DG  A 1 2  ? -7.113  -5.013  7.596   1.00 21.41 ? 2  DG  A P     1 
ATOM   20  O  OP1   . DG  A 1 2  ? -7.993  -5.786  6.740   1.00 21.46 ? 2  DG  A OP1   1 
ATOM   21  O  OP2   . DG  A 1 2  ? -5.963  -4.362  6.886   1.00 23.86 ? 2  DG  A OP2   1 
ATOM   22  O  "O5'" . DG  A 1 2  ? -8.016  -3.858  8.205   1.00 21.30 ? 2  DG  A "O5'" 1 
ATOM   23  C  "C5'" . DG  A 1 2  ? -9.444  -3.765  8.138   1.00 17.64 ? 2  DG  A "C5'" 1 
ATOM   24  C  "C4'" . DG  A 1 2  ? -9.845  -2.439  8.671   1.00 16.14 ? 2  DG  A "C4'" 1 
ATOM   25  O  "O4'" . DG  A 1 2  ? -9.428  -2.343  10.042  1.00 15.56 ? 2  DG  A "O4'" 1 
ATOM   26  C  "C3'" . DG  A 1 2  ? -9.194  -1.225  8.061   1.00 15.90 ? 2  DG  A "C3'" 1 
ATOM   27  O  "O3'" . DG  A 1 2  ? -10.006 -0.814  6.909   1.00 16.56 ? 2  DG  A "O3'" 1 
ATOM   28  C  "C2'" . DG  A 1 2  ? -9.306  -0.208  9.158   1.00 15.27 ? 2  DG  A "C2'" 1 
ATOM   29  C  "C1'" . DG  A 1 2  ? -9.020  -1.023  10.333  1.00 15.55 ? 2  DG  A "C1'" 1 
ATOM   30  N  N9    . DG  A 1 2  ? -7.608  -1.118  10.733  1.00 14.93 ? 2  DG  A N9    1 
ATOM   31  C  C8    . DG  A 1 2  ? -6.818  -2.254  10.685  1.00 15.01 ? 2  DG  A C8    1 
ATOM   32  N  N7    . DG  A 1 2  ? -5.633  -2.009  11.108  1.00 16.18 ? 2  DG  A N7    1 
ATOM   33  C  C5    . DG  A 1 2  ? -5.600  -0.682  11.438  1.00 14.79 ? 2  DG  A C5    1 
ATOM   34  C  C6    . DG  A 1 2  ? -4.573  0.111   11.943  1.00 15.10 ? 2  DG  A C6    1 
ATOM   35  O  O6    . DG  A 1 2  ? -3.414  -0.231  12.208  1.00 16.72 ? 2  DG  A O6    1 
ATOM   36  N  N1    . DG  A 1 2  ? -4.965  1.411   12.148  1.00 15.13 ? 2  DG  A N1    1 
ATOM   37  C  C2    . DG  A 1 2  ? -6.202  1.914   11.895  1.00 14.62 ? 2  DG  A C2    1 
ATOM   38  N  N2    . DG  A 1 2  ? -6.429  3.197   12.139  1.00 15.29 ? 2  DG  A N2    1 
ATOM   39  N  N3    . DG  A 1 2  ? -7.207  1.176   11.420  1.00 13.62 ? 2  DG  A N3    1 
ATOM   40  C  C4    . DG  A 1 2  ? -6.845  -0.100  11.213  1.00 13.67 ? 2  DG  A C4    1 
ATOM   41  P  P     . DG  A 1 3  ? -9.272  -0.128  5.644   1.00 17.03 ? 3  DG  A P     1 
ATOM   42  O  OP1   . DG  A 1 3  ? -10.385 0.121   4.741   1.00 19.98 ? 3  DG  A OP1   1 
ATOM   43  O  OP2   . DG  A 1 3  ? -8.128  -0.945  5.277   1.00 19.10 ? 3  DG  A OP2   1 
ATOM   44  O  "O5'" . DG  A 1 3  ? -8.656  1.203   6.214   1.00 16.51 ? 3  DG  A "O5'" 1 
ATOM   45  C  "C5'" . DG  A 1 3  ? -9.516  2.307   6.544   1.00 15.92 ? 3  DG  A "C5'" 1 
ATOM   46  C  "C4'" . DG  A 1 3  ? -8.679  3.416   7.021   1.00 15.44 ? 3  DG  A "C4'" 1 
ATOM   47  O  "O4'" . DG  A 1 3  ? -8.030  3.007   8.271   1.00 15.05 ? 3  DG  A "O4'" 1 
ATOM   48  C  "C3'" . DG  A 1 3  ? -7.497  3.894   6.244   1.00 14.19 ? 3  DG  A "C3'" 1 
ATOM   49  O  "O3'" . DG  A 1 3  ? -7.980  4.755   5.183   1.00 15.71 ? 3  DG  A "O3'" 1 
ATOM   50  C  "C2'" . DG  A 1 3  ? -6.696  4.631   7.261   1.00 14.68 ? 3  DG  A "C2'" 1 
ATOM   51  C  "C1'" . DG  A 1 3  ? -6.802  3.711   8.391   1.00 14.01 ? 3  DG  A "C1'" 1 
ATOM   52  N  N9    . DG  A 1 3  ? -5.744  2.699   8.520   1.00 13.11 ? 3  DG  A N9    1 
ATOM   53  C  C8    . DG  A 1 3  ? -5.748  1.345   8.168   1.00 13.69 ? 3  DG  A C8    1 
ATOM   54  N  N7    . DG  A 1 3  ? -4.641  0.728   8.396   1.00 13.30 ? 3  DG  A N7    1 
ATOM   55  C  C5    . DG  A 1 3  ? -3.842  1.695   8.952   1.00 13.37 ? 3  DG  A C5    1 
ATOM   56  C  C6    . DG  A 1 3  ? -2.510  1.655   9.426   1.00 12.94 ? 3  DG  A C6    1 
ATOM   57  O  O6    . DG  A 1 3  ? -1.729  0.719   9.472   1.00 14.43 ? 3  DG  A O6    1 
ATOM   58  N  N1    . DG  A 1 3  ? -2.088  2.891   9.893   1.00 13.31 ? 3  DG  A N1    1 
ATOM   59  C  C2    . DG  A 1 3  ? -2.835  4.022   9.909   1.00 14.08 ? 3  DG  A C2    1 
ATOM   60  N  N2    . DG  A 1 3  ? -2.228  5.097   10.410  1.00 14.83 ? 3  DG  A N2    1 
ATOM   61  N  N3    . DG  A 1 3  ? -4.094  4.129   9.487   1.00 13.92 ? 3  DG  A N3    1 
ATOM   62  C  C4    . DG  A 1 3  ? -4.498  2.902   9.024   1.00 13.15 ? 3  DG  A C4    1 
ATOM   63  P  P     . DC  A 1 4  ? -7.294  4.826   3.763   1.00 16.15 ? 4  DC  A P     1 
ATOM   64  O  OP1   . DC  A 1 4  ? -8.211  5.599   2.925   1.00 20.12 ? 4  DC  A OP1   1 
ATOM   65  O  OP2   . DC  A 1 4  ? -6.794  3.510   3.400   1.00 18.08 ? 4  DC  A OP2   1 
ATOM   66  O  "O5'" . DC  A 1 4  ? -5.966  5.693   4.017   1.00 15.81 ? 4  DC  A "O5'" 1 
ATOM   67  C  "C5'" . DC  A 1 4  ? -6.054  7.063   4.381   1.00 16.24 ? 4  DC  A "C5'" 1 
ATOM   68  C  "C4'" . DC  A 1 4  ? -4.767  7.555   4.890   1.00 16.19 ? 4  DC  A "C4'" 1 
ATOM   69  O  "O4'" . DC  A 1 4  ? -4.455  6.821   6.104   1.00 15.23 ? 4  DC  A "O4'" 1 
ATOM   70  C  "C3'" . DC  A 1 4  ? -3.522  7.310   4.066   1.00 16.39 ? 4  DC  A "C3'" 1 
ATOM   71  O  "O3'" . DC  A 1 4  ? -3.495  8.405   3.077   1.00 18.63 ? 4  DC  A "O3'" 1 
ATOM   72  C  "C2'" . DC  A 1 4  ? -2.450  7.435   5.104   1.00 15.36 ? 4  DC  A "C2'" 1 
ATOM   73  C  "C1'" . DC  A 1 4  ? -3.059  6.670   6.216   1.00 14.49 ? 4  DC  A "C1'" 1 
ATOM   74  N  N1    . DC  A 1 4  ? -2.662  5.263   6.174   1.00 13.73 ? 4  DC  A N1    1 
ATOM   75  C  C2    . DC  A 1 4  ? -1.445  4.898   6.739   1.00 14.41 ? 4  DC  A C2    1 
ATOM   76  O  O2    . DC  A 1 4  ? -0.736  5.761   7.209   1.00 16.10 ? 4  DC  A O2    1 
ATOM   77  N  N3    . DC  A 1 4  ? -1.068  3.602   6.719   1.00 14.08 ? 4  DC  A N3    1 
ATOM   78  C  C4    . DC  A 1 4  ? -1.869  2.665   6.187   1.00 14.13 ? 4  DC  A C4    1 
ATOM   79  N  N4    . DC  A 1 4  ? -1.443  1.428   6.174   1.00 14.61 ? 4  DC  A N4    1 
ATOM   80  C  C5    . DC  A 1 4  ? -3.146  2.999   5.587   1.00 14.37 ? 4  DC  A C5    1 
ATOM   81  C  C6    . DC  A 1 4  ? -3.434  4.293   5.637   1.00 14.27 ? 4  DC  A C6    1 
ATOM   82  P  P     . DA  A 1 5  ? -2.680  8.212   1.724   1.00 19.40 ? 5  DA  A P     1 
ATOM   83  O  OP1   . DA  A 1 5  ? -3.048  9.318   0.877   1.00 22.02 ? 5  DA  A OP1   1 
ATOM   84  O  OP2   . DA  A 1 5  ? -2.875  6.834   1.230   1.00 20.63 ? 5  DA  A OP2   1 
ATOM   85  O  "O5'" . DA  A 1 5  ? -1.180  8.276   2.180   1.00 18.52 ? 5  DA  A "O5'" 1 
ATOM   86  C  "C5'" . DA  A 1 5  ? -0.558  9.490   2.609   1.00 19.22 ? 5  DA  A "C5'" 1 
ATOM   87  C  "C4'" . DA  A 1 5  ? 0.848   9.302   2.950   1.00 18.69 ? 5  DA  A "C4'" 1 
ATOM   88  O  "O4'" . DA  A 1 5  ? 0.931   8.386   4.095   1.00 18.64 ? 5  DA  A "O4'" 1 
ATOM   89  C  "C3'" . DA  A 1 5  ? 1.715   8.594   1.951   1.00 18.60 ? 5  DA  A "C3'" 1 
ATOM   90  O  "O3'" . DA  A 1 5  ? 2.202   9.628   1.032   1.00 19.44 ? 5  DA  A "O3'" 1 
ATOM   91  C  "C2'" . DA  A 1 5  ? 2.821   8.068   2.788   1.00 18.84 ? 5  DA  A "C2'" 1 
ATOM   92  C  "C1'" . DA  A 1 5  ? 2.093   7.600   3.926   1.00 18.72 ? 5  DA  A "C1'" 1 
ATOM   93  N  N9    . DA  A 1 5  ? 1.638   6.203   3.913   1.00 18.12 ? 5  DA  A N9    1 
ATOM   94  C  C8    . DA  A 1 5  ? 0.437   5.678   3.536   1.00 16.14 ? 5  DA  A C8    1 
ATOM   95  N  N7    . DA  A 1 5  ? 0.324   4.423   3.617   1.00 16.13 ? 5  DA  A N7    1 
ATOM   96  C  C5    . DA  A 1 5  ? 1.570   4.012   4.081   1.00 17.64 ? 5  DA  A C5    1 
ATOM   97  C  C6    . DA  A 1 5  ? 2.039   2.741   4.383   1.00 17.96 ? 5  DA  A C6    1 
ATOM   98  N  N6    . DA  A 1 5  ? 1.334   1.625   4.240   1.00 17.48 ? 5  DA  A N6    1 
ATOM   99  N  N1    . DA  A 1 5  ? 3.342   2.716   4.813   1.00 18.03 ? 5  DA  A N1    1 
ATOM   100 C  C2    . DA  A 1 5  ? 4.017   3.834   4.942   1.00 18.64 ? 5  DA  A C2    1 
ATOM   101 N  N3    . DA  A 1 5  ? 3.669   5.068   4.703   1.00 18.42 ? 5  DA  A N3    1 
ATOM   102 C  C4    . DA  A 1 5  ? 2.383   5.108   4.254   1.00 18.72 ? 5  DA  A C4    1 
ATOM   103 P  P     . DT  A 1 6  ? 2.469   9.276   -0.472  1.00 20.13 ? 6  DT  A P     1 
ATOM   104 O  OP1   . DT  A 1 6  ? 2.799   10.566  -1.107  1.00 21.26 ? 6  DT  A OP1   1 
ATOM   105 O  OP2   . DT  A 1 6  ? 1.420   8.433   -0.998  1.00 22.18 ? 6  DT  A OP2   1 
ATOM   106 O  "O5'" . DT  A 1 6  ? 3.810   8.415   -0.430  1.00 18.60 ? 6  DT  A "O5'" 1 
ATOM   107 C  "C5'" . DT  A 1 6  ? 5.084   8.922   -0.089  1.00 17.92 ? 6  DT  A "C5'" 1 
ATOM   108 C  "C4'" . DT  A 1 6  ? 6.089   7.900   0.194   1.00 18.80 ? 6  DT  A "C4'" 1 
ATOM   109 O  "O4'" . DT  A 1 6  ? 5.645   7.075   1.323   1.00 18.57 ? 6  DT  A "O4'" 1 
ATOM   110 C  "C3'" . DT  A 1 6  ? 6.297   6.829   -0.871  1.00 19.33 ? 6  DT  A "C3'" 1 
ATOM   111 O  "O3'" . DT  A 1 6  ? 7.242   7.398   -1.842  1.00 20.00 ? 6  DT  A "O3'" 1 
ATOM   112 C  "C2'" . DT  A 1 6  ? 6.992   5.776   -0.086  1.00 18.58 ? 6  DT  A "C2'" 1 
ATOM   113 C  "C1'" . DT  A 1 6  ? 6.135   5.777   1.109   1.00 18.31 ? 6  DT  A "C1'" 1 
ATOM   114 N  N1    . DT  A 1 6  ? 5.020   4.833   1.082   1.00 17.27 ? 6  DT  A N1    1 
ATOM   115 C  C2    . DT  A 1 6  ? 5.269   3.537   1.455   1.00 17.77 ? 6  DT  A C2    1 
ATOM   116 O  O2    . DT  A 1 6  ? 6.387   3.157   1.833   1.00 19.63 ? 6  DT  A O2    1 
ATOM   117 N  N3    . DT  A 1 6  ? 4.174   2.716   1.405   1.00 16.90 ? 6  DT  A N3    1 
ATOM   118 C  C4    . DT  A 1 6  ? 2.914   3.057   1.008   1.00 16.98 ? 6  DT  A C4    1 
ATOM   119 O  O4    . DT  A 1 6  ? 2.069   2.184   1.001   1.00 18.05 ? 6  DT  A O4    1 
ATOM   120 C  C5    . DT  A 1 6  ? 2.735   4.420   0.583   1.00 16.36 ? 6  DT  A C5    1 
ATOM   121 C  C7    . DT  A 1 6  ? 1.336   4.843   0.124   1.00 18.60 ? 6  DT  A C7    1 
ATOM   122 C  C6    . DT  A 1 6  ? 3.782   5.265   0.668   1.00 17.02 ? 6  DT  A C6    1 
ATOM   123 P  P     . DG  A 1 7  ? 7.200   6.799   -3.303  1.00 21.06 ? 7  DG  A P     1 
ATOM   124 O  OP1   . DG  A 1 7  ? 8.139   7.615   -4.092  1.00 22.68 ? 7  DG  A OP1   1 
ATOM   125 O  OP2   . DG  A 1 7  ? 5.822   6.658   -3.761  1.00 22.92 ? 7  DG  A OP2   1 
ATOM   126 O  "O5'" . DG  A 1 7  ? 7.760   5.347   -3.209  1.00 20.54 ? 7  DG  A "O5'" 1 
ATOM   127 C  "C5'" . DG  A 1 7  ? 9.126   5.059   -2.833  1.00 19.14 ? 7  DG  A "C5'" 1 
ATOM   128 C  "C4'" . DG  A 1 7  ? 9.317   3.623   -2.691  1.00 18.65 ? 7  DG  A "C4'" 1 
ATOM   129 O  "O4'" . DG  A 1 7  ? 8.444   3.197   -1.597  1.00 18.62 ? 7  DG  A "O4'" 1 
ATOM   130 C  "C3'" . DG  A 1 7  ? 8.881   2.719   -3.815  1.00 19.11 ? 7  DG  A "C3'" 1 
ATOM   131 O  "O3'" . DG  A 1 7  ? 9.989   2.726   -4.783  1.00 19.18 ? 7  DG  A "O3'" 1 
ATOM   132 C  "C2'" . DG  A 1 7  ? 8.758   1.425   -3.099  1.00 18.57 ? 7  DG  A "C2'" 1 
ATOM   133 C  "C1'" . DG  A 1 7  ? 8.110   1.837   -1.874  1.00 18.40 ? 7  DG  A "C1'" 1 
ATOM   134 N  N9    . DG  A 1 7  ? 6.632   1.775   -1.855  1.00 16.54 ? 7  DG  A N9    1 
ATOM   135 C  C8    . DG  A 1 7  ? 5.717   2.749   -2.087  1.00 15.55 ? 7  DG  A C8    1 
ATOM   136 N  N7    . DG  A 1 7  ? 4.506   2.359   -2.005  1.00 15.36 ? 7  DG  A N7    1 
ATOM   137 C  C5    . DG  A 1 7  ? 4.613   1.026   -1.695  1.00 14.37 ? 7  DG  A C5    1 
ATOM   138 C  C6    . DG  A 1 7  ? 3.588   0.090   -1.486  1.00 13.77 ? 7  DG  A C6    1 
ATOM   139 O  O6    . DG  A 1 7  ? 2.362   0.208   -1.518  1.00 15.02 ? 7  DG  A O6    1 
ATOM   140 N  N1    . DG  A 1 7  ? 4.161   -1.170  -1.220  1.00 13.98 ? 7  DG  A N1    1 
ATOM   141 C  C2    . DG  A 1 7  ? 5.505   -1.444  -1.163  1.00 15.20 ? 7  DG  A C2    1 
ATOM   142 N  N2    . DG  A 1 7  ? 5.847   -2.682  -0.882  1.00 15.66 ? 7  DG  A N2    1 
ATOM   143 N  N3    . DG  A 1 7  ? 6.480   -0.557  -1.341  1.00 15.83 ? 7  DG  A N3    1 
ATOM   144 C  C4    . DG  A 1 7  ? 5.921   0.640   -1.612  1.00 15.34 ? 7  DG  A C4    1 
ATOM   145 P  P     . DC  A 1 8  ? 9.756   2.378   -6.310  1.00 19.64 ? 8  DC  A P     1 
ATOM   146 O  OP1   . DC  A 1 8  ? 11.021  2.675   -6.951  1.00 21.40 ? 8  DC  A OP1   1 
ATOM   147 O  OP2   . DC  A 1 8  ? 8.552   3.019   -6.773  1.00 21.02 ? 8  DC  A OP2   1 
ATOM   148 O  "O5'" . DC  A 1 8  ? 9.426   0.818   -6.335  1.00 19.20 ? 8  DC  A "O5'" 1 
ATOM   149 C  "C5'" . DC  A 1 8  ? 10.469  -0.083  -5.858  1.00 17.37 ? 8  DC  A "C5'" 1 
ATOM   150 C  "C4'" . DC  A 1 8  ? 9.906   -1.426  -5.894  1.00 17.10 ? 8  DC  A "C4'" 1 
ATOM   151 O  "O4'" . DC  A 1 8  ? 8.697   -1.503  -5.073  1.00 16.60 ? 8  DC  A "O4'" 1 
ATOM   152 C  "C3'" . DC  A 1 8  ? 9.434   -1.918  -7.245  1.00 17.53 ? 8  DC  A "C3'" 1 
ATOM   153 O  "O3'" . DC  A 1 8  ? 9.822   -3.313  -7.349  1.00 19.35 ? 8  DC  A "O3'" 1 
ATOM   154 C  "C2'" . DC  A 1 8  ? 7.951   -1.831  -7.194  1.00 16.29 ? 8  DC  A "C2'" 1 
ATOM   155 C  "C1'" . DC  A 1 8  ? 7.637   -1.989  -5.734  1.00 15.71 ? 8  DC  A "C1'" 1 
ATOM   156 N  N1    . DC  A 1 8  ? 6.372   -1.338  -5.429  1.00 15.04 ? 8  DC  A N1    1 
ATOM   157 C  C2    . DC  A 1 8  ? 5.325   -2.090  -4.911  1.00 14.07 ? 8  DC  A C2    1 
ATOM   158 O  O2    . DC  A 1 8  ? 5.468   -3.274  -4.704  1.00 14.79 ? 8  DC  A O2    1 
ATOM   159 N  N3    . DC  A 1 8  ? 4.119   -1.512  -4.641  1.00 13.63 ? 8  DC  A N3    1 
ATOM   160 C  C4    . DC  A 1 8  ? 3.985   -0.201  -4.894  1.00 13.84 ? 8  DC  A C4    1 
ATOM   161 N  N4    . DC  A 1 8  ? 2.814   0.369   -4.634  1.00 14.40 ? 8  DC  A N4    1 
ATOM   162 C  C5    . DC  A 1 8  ? 5.035   0.585   -5.387  1.00 14.53 ? 8  DC  A C5    1 
ATOM   163 C  C6    . DC  A 1 8  ? 6.195   -0.023  -5.652  1.00 15.17 ? 8  DC  A C6    1 
ATOM   164 P  P     . DC  A 1 9  ? 9.517   -4.274  -8.559  1.00 21.35 ? 9  DC  A P     1 
ATOM   165 O  OP1   . DC  A 1 9  ? 10.604  -5.208  -8.632  1.00 22.27 ? 9  DC  A OP1   1 
ATOM   166 O  OP2   . DC  A 1 9  ? 9.175   -3.485  -9.738  1.00 23.46 ? 9  DC  A OP2   1 
ATOM   167 O  "O5'" . DC  A 1 9  ? 8.129   -4.958  -8.156  1.00 23.88 ? 9  DC  A "O5'" 1 
ATOM   168 C  "C5'" . DC  A 1 9  ? 8.131   -5.872  -7.029  1.00 25.21 ? 9  DC  A "C5'" 1 
ATOM   169 C  "C4'" . DC  A 1 9  ? 6.959   -6.807  -7.180  1.00 25.73 ? 9  DC  A "C4'" 1 
ATOM   170 O  "O4'" . DC  A 1 9  ? 5.780   -6.082  -6.854  1.00 22.16 ? 9  DC  A "O4'" 1 
ATOM   171 C  "C3'" . DC  A 1 9  ? 6.699   -7.357  -8.534  1.00 26.97 ? 9  DC  A "C3'" 1 
ATOM   172 O  "O3'" . DC  A 1 9  ? 6.461   -8.820  -8.360  1.00 27.06 ? 9  DC  A "O3'" 1 
ATOM   173 C  "C2'" . DC  A 1 9  ? 5.496   -6.701  -9.086  1.00 26.94 ? 9  DC  A "C2'" 1 
ATOM   174 C  "C1'" . DC  A 1 9  ? 4.801   -6.260  -7.909  1.00 21.09 ? 9  DC  A "C1'" 1 
ATOM   175 N  N1    . DC  A 1 9  ? 4.113   -4.983  -7.872  1.00 19.83 ? 9  DC  A N1    1 
ATOM   176 C  C2    . DC  A 1 9  ? 2.733   -4.975  -7.683  1.00 18.40 ? 9  DC  A C2    1 
ATOM   177 O  O2    . DC  A 1 9  ? 2.064   -5.970  -7.548  1.00 18.52 ? 9  DC  A O2    1 
ATOM   178 N  N3    . DC  A 1 9  ? 2.099   -3.751  -7.621  1.00 18.53 ? 9  DC  A N3    1 
ATOM   179 C  C4    . DC  A 1 9  ? 2.801   -2.650  -7.778  1.00 18.19 ? 9  DC  A C4    1 
ATOM   180 N  N4    . DC  A 1 9  ? 2.201   -1.475  -7.747  1.00 18.29 ? 9  DC  A N4    1 
ATOM   181 C  C5    . DC  A 1 9  ? 4.209   -2.697  -8.011  1.00 20.06 ? 9  DC  A C5    1 
ATOM   182 C  C6    . DC  A 1 9  ? 4.817   -3.859  -8.033  1.00 19.82 ? 9  DC  A C6    1 
ATOM   183 P  P     . DT  A 1 10 ? 7.470   -9.965  -8.846  1.00 28.15 ? 10 DT  A P     1 
ATOM   184 O  OP1   . DT  A 1 10 ? 8.668   -9.328  -9.375  1.00 28.45 ? 10 DT  A OP1   1 
ATOM   185 O  OP2   . DT  A 1 10 ? 6.651   -10.777 -9.786  1.00 32.62 ? 10 DT  A OP2   1 
ATOM   186 O  "O5'" . DT  A 1 10 ? 7.692   -10.849 -7.567  1.00 30.89 ? 10 DT  A "O5'" 1 
ATOM   187 C  "C5'" . DT  A 1 10 ? 8.537   -10.610 -6.438  1.00 34.02 ? 10 DT  A "C5'" 1 
ATOM   188 C  "C4'" . DT  A 1 10 ? 8.325   -11.700 -5.457  1.00 34.28 ? 10 DT  A "C4'" 1 
ATOM   189 O  "O4'" . DT  A 1 10 ? 7.066   -11.295 -4.788  1.00 35.50 ? 10 DT  A "O4'" 1 
ATOM   190 C  "C3'" . DT  A 1 10 ? 7.919   -13.041 -5.995  1.00 34.97 ? 10 DT  A "C3'" 1 
ATOM   191 O  "O3'" . DT  A 1 10 ? 9.063   -13.818 -6.388  1.00 39.27 ? 10 DT  A "O3'" 1 
ATOM   192 C  "C2'" . DT  A 1 10 ? 7.111   -13.621 -4.907  1.00 35.37 ? 10 DT  A "C2'" 1 
ATOM   193 C  "C1'" . DT  A 1 10 ? 6.328   -12.453 -4.525  1.00 36.46 ? 10 DT  A "C1'" 1 
ATOM   194 N  N1    . DT  A 1 10 ? 4.984   -12.382 -5.040  1.00 34.80 ? 10 DT  A N1    1 
ATOM   195 C  C2    . DT  A 1 10 ? 4.017   -13.174 -4.395  1.00 34.49 ? 10 DT  A C2    1 
ATOM   196 O  O2    . DT  A 1 10 ? 4.304   -13.889 -3.463  1.00 35.63 ? 10 DT  A O2    1 
ATOM   197 N  N3    . DT  A 1 10 ? 2.771   -13.037 -4.934  1.00 34.13 ? 10 DT  A N3    1 
ATOM   198 C  C4    . DT  A 1 10 ? 2.349   -12.265 -5.989  1.00 31.61 ? 10 DT  A C4    1 
ATOM   199 O  O4    . DT  A 1 10 ? 1.189   -12.214 -6.419  1.00 34.03 ? 10 DT  A O4    1 
ATOM   200 C  C5    . DT  A 1 10 ? 3.407   -11.486 -6.584  1.00 32.95 ? 10 DT  A C5    1 
ATOM   201 C  C7    . DT  A 1 10 ? 3.052   -10.576 -7.756  1.00 33.74 ? 10 DT  A C7    1 
ATOM   202 C  C6    . DT  A 1 10 ? 4.643   -11.579 -6.086  1.00 32.96 ? 10 DT  A C6    1 
HETATM 203 CO CO    . NCO B 2 .  ? -2.644  1.027   -3.010  1.00 26.74 ? 11 NCO A CO    1 
HETATM 204 N  N1    . NCO B 2 .  ? -1.267  0.107   -1.964  1.00 30.33 ? 11 NCO A N1    1 
HETATM 205 N  N2    . NCO B 2 .  ? -1.483  0.910   -4.570  1.00 27.80 ? 11 NCO A N2    1 
HETATM 206 N  N3    . NCO B 2 .  ? -1.838  2.733   -2.535  1.00 29.31 ? 11 NCO A N3    1 
HETATM 207 N  N4    . NCO B 2 .  ? -3.773  1.129   -1.439  1.00 27.04 ? 11 NCO A N4    1 
HETATM 208 N  N5    . NCO B 2 .  ? -3.424  -0.692  -3.458  1.00 28.30 ? 11 NCO A N5    1 
HETATM 209 N  N6    . NCO B 2 .  ? -3.983  1.952   -4.073  1.00 29.12 ? 11 NCO A N6    1 
HETATM 210 CO CO    . NCO C 2 .  ? -12.284 1.739   1.704   1.00 29.65 ? 12 NCO A CO    1 
HETATM 211 N  N1    . NCO C 2 .  ? -12.754 3.584   1.396   1.00 32.32 ? 12 NCO A N1    1 
HETATM 212 N  N2    . NCO C 2 .  ? -12.863 1.877   3.552   1.00 30.53 ? 12 NCO A N2    1 
HETATM 213 N  N3    . NCO C 2 .  ? -10.475 2.286   2.257   1.00 36.04 ? 12 NCO A N3    1 
HETATM 214 N  N4    . NCO C 2 .  ? -11.649 1.575   -0.123  1.00 31.30 ? 12 NCO A N4    1 
HETATM 215 N  N5    . NCO C 2 .  ? -14.063 1.167   1.155   1.00 39.31 ? 12 NCO A N5    1 
HETATM 216 N  N6    . NCO C 2 .  ? -11.799 -0.128  2.039   1.00 31.36 ? 12 NCO A N6    1 
HETATM 217 O  O     . HOH D 3 .  ? -7.142  7.218   0.867   1.00 37.15 ? 13 HOH A O     1 
HETATM 218 O  O     . HOH D 3 .  ? 3.679   0.990   -8.518  1.00 32.76 ? 14 HOH A O     1 
HETATM 219 O  O     . HOH D 3 .  ? 0.655   -4.002  3.353   1.00 41.63 ? 15 HOH A O     1 
HETATM 220 O  O     . HOH D 3 .  ? 7.913   2.666   3.880   0.50 28.36 ? 16 HOH A O     1 
HETATM 221 O  O     . HOH D 3 .  ? 2.341   6.690   -3.102  1.00 43.00 ? 17 HOH A O     1 
HETATM 222 O  O     . HOH D 3 .  ? 9.538   0.814   2.191   1.00 31.65 ? 18 HOH A O     1 
HETATM 223 O  O     . HOH D 3 .  ? 0.935   2.161   -2.653  1.00 25.23 ? 19 HOH A O     1 
HETATM 224 O  O     . HOH D 3 .  ? -1.089  -9.072  -9.422  1.00 59.45 ? 20 HOH A O     1 
HETATM 225 O  O     . HOH D 3 .  ? -5.943  0.907   4.200   1.00 27.22 ? 21 HOH A O     1 
HETATM 226 O  O     . HOH D 3 .  ? 11.024  0.957   -9.642  1.00 44.09 ? 22 HOH A O     1 
HETATM 227 O  O     . HOH D 3 .  ? 5.397   -13.039 -9.588  1.00 29.15 ? 23 HOH A O     1 
HETATM 228 O  O     . HOH D 3 .  ? -0.549  1.553   0.469   1.00 29.83 ? 24 HOH A O     1 
HETATM 229 O  O     . HOH D 3 .  ? -2.376  -1.769  0.192   1.00 28.20 ? 25 HOH A O     1 
HETATM 230 O  O     . HOH D 3 .  ? 8.514   5.677   -7.141  1.00 40.16 ? 26 HOH A O     1 
HETATM 231 O  O     . HOH D 3 .  ? -6.436  4.120   -3.066  1.00 55.39 ? 27 HOH A O     1 
HETATM 232 O  O     . HOH D 3 .  ? 2.549   3.942   -3.270  1.00 30.74 ? 28 HOH A O     1 
HETATM 233 O  O     . HOH D 3 .  ? -1.231  -5.856  3.219   1.00 43.70 ? 29 HOH A O     1 
HETATM 234 O  O     . HOH D 3 .  ? 6.528   1.417   -8.817  1.00 45.05 ? 30 HOH A O     1 
HETATM 235 O  O     . HOH D 3 .  ? -4.055  -3.221  2.897   1.00 54.32 ? 31 HOH A O     1 
HETATM 236 O  O     . HOH D 3 .  ? -10.667 -6.634  9.046   1.00 57.43 ? 32 HOH A O     1 
HETATM 237 O  O     . HOH D 3 .  ? -2.105  -5.962  5.564   1.00 57.28 ? 33 HOH A O     1 
HETATM 238 O  O     . HOH D 3 .  ? 3.951   -10.793 -10.796 1.00 56.49 ? 34 HOH A O     1 
HETATM 239 O  O     . HOH D 3 .  ? 10.497  2.830   0.505   1.00 35.46 ? 35 HOH A O     1 
HETATM 240 O  O     . HOH D 3 .  ? -2.329  -12.241 -7.688  1.00 33.64 ? 36 HOH A O     1 
HETATM 241 O  O     . HOH D 3 .  ? -0.920  1.101   -7.936  1.00 41.01 ? 37 HOH A O     1 
HETATM 242 O  O     . HOH D 3 .  ? -9.006  -4.963  4.109   1.00 39.72 ? 38 HOH A O     1 
HETATM 243 O  O     . HOH D 3 .  ? -7.416  -6.128  2.718   1.00 31.69 ? 39 HOH A O     1 
HETATM 244 O  O     . HOH D 3 .  ? 2.384   3.216   -5.830  1.00 32.88 ? 40 HOH A O     1 
HETATM 245 O  O     . HOH D 3 .  ? -11.591 -4.196  1.440   0.50 55.81 ? 41 HOH A O     1 
HETATM 246 O  O     . HOH D 3 .  ? -9.592  1.875   -1.812  1.00 37.90 ? 42 HOH A O     1 
HETATM 247 O  O     . HOH D 3 .  ? -6.652  -4.025  1.877   1.00 51.61 ? 43 HOH A O     1 
HETATM 248 O  O     . HOH D 3 .  ? 10.270  7.386   -5.640  1.00 45.02 ? 44 HOH A O     1 
HETATM 249 O  O     . HOH D 3 .  ? -2.111  7.386   -2.631  1.00 64.36 ? 45 HOH A O     1 
HETATM 250 O  O     . HOH D 3 .  ? -9.552  4.191   0.493   1.00 50.41 ? 46 HOH A O     1 
HETATM 251 O  O     . HOH D 3 .  ? -1.697  -2.041  2.782   1.00 47.81 ? 47 HOH A O     1 
HETATM 252 O  O     . HOH D 3 .  ? 5.920   4.333   -5.618  1.00 39.40 ? 48 HOH A O     1 
HETATM 253 O  O     . HOH D 3 .  ? -15.965 2.617   2.452   1.00 50.97 ? 49 HOH A O     1 
HETATM 254 O  O     . HOH D 3 .  ? 9.011   -14.264 -1.128  1.00 63.98 ? 50 HOH A O     1 
HETATM 255 O  O     . HOH D 3 .  ? -3.555  1.503   -6.799  1.00 35.79 ? 51 HOH A O     1 
HETATM 256 O  O     . HOH D 3 .  ? -3.564  -10.606 6.029   1.00 61.14 ? 52 HOH A O     1 
HETATM 257 O  O     . HOH D 3 .  ? -5.142  5.744   0.033   1.00 42.53 ? 53 HOH A O     1 
HETATM 258 O  O     . HOH D 3 .  ? 3.974   5.091   -21.315 1.00 59.95 ? 54 HOH A O     1 
HETATM 259 O  O     . HOH D 3 .  ? -7.653  1.086   -0.437  1.00 56.95 ? 55 HOH A O     1 
HETATM 260 O  O     . HOH D 3 .  ? -8.761  -4.919  0.909   1.00 53.22 ? 56 HOH A O     1 
HETATM 261 O  O     . HOH D 3 .  ? -4.843  -8.903  13.795  1.00 55.68 ? 57 HOH A O     1 
HETATM 262 O  O     . HOH D 3 .  ? -11.593 5.459   -0.471  1.00 53.81 ? 58 HOH A O     1 
HETATM 263 O  O     . HOH D 3 .  ? 4.188   10.840  -10.072 1.00 55.29 ? 59 HOH A O     1 
HETATM 264 O  O     . HOH D 3 .  ? 3.380   -0.001  -11.064 1.00 48.90 ? 60 HOH A O     1 
HETATM 265 O  O     . HOH D 3 .  ? -4.880  3.286   -8.195  1.00 47.41 ? 61 HOH A O     1 
HETATM 266 O  O     . HOH D 3 .  ? -0.925  9.783   -1.000  1.00 52.05 ? 62 HOH A O     1 
HETATM 267 O  O     . HOH D 3 .  ? 3.552   4.481   -9.834  1.00 65.55 ? 63 HOH A O     1 
HETATM 268 O  O     . HOH D 3 .  ? 6.588   -4.112  -10.573 1.00 62.60 ? 64 HOH A O     1 
HETATM 269 O  O     . HOH D 3 .  ? 12.103  0.285   -12.928 1.00 68.66 ? 65 HOH A O     1 
HETATM 270 O  O     . HOH D 3 .  ? -0.171  3.270   -5.994  1.00 45.66 ? 66 HOH A O     1 
HETATM 271 O  O     . HOH D 3 .  ? 4.323   2.929   -22.754 1.00 62.25 ? 67 HOH A O     1 
HETATM 272 O  O     . HOH D 3 .  ? 0.546   2.165   -9.861  1.00 46.55 ? 68 HOH A O     1 
HETATM 273 O  O     . HOH D 3 .  ? 4.207   5.966   -7.865  1.00 58.72 ? 69 HOH A O     1 
HETATM 274 O  O     . HOH D 3 .  ? 9.779   8.894   -7.789  1.00 68.80 ? 70 HOH A O     1 
HETATM 275 O  O     . HOH D 3 .  ? -0.924  6.170   -10.574 1.00 50.41 ? 71 HOH A O     1 
HETATM 276 O  O     . HOH D 3 .  ? 8.572   4.004   -9.060  1.00 50.63 ? 72 HOH A O     1 
HETATM 277 O  O     . HOH D 3 .  ? 5.667   -15.138 -1.215  1.00 50.09 ? 73 HOH A O     1 
HETATM 278 O  O     . HOH D 3 .  ? 6.669   -16.564 -3.744  1.00 65.72 ? 74 HOH A O     1 
HETATM 279 O  O     . HOH D 3 .  ? -4.251  11.375  1.985   1.00 54.99 ? 75 HOH A O     1 
HETATM 280 O  O     . HOH D 3 .  ? -8.895  9.249   -1.932  0.50 59.37 ? 76 HOH A O     1 
HETATM 281 O  O     . HOH D 3 .  ? 11.141  -1.189  -11.074 0.50 62.96 ? 77 HOH A O     1 
HETATM 282 O  O     . HOH D 3 .  ? 5.791   6.163   -10.205 1.00 60.49 ? 78 HOH A O     1 
HETATM 283 O  O     . HOH D 3 .  ? 1.695   5.874   -8.208  1.00 59.19 ? 79 HOH A O     1 
HETATM 284 O  O     . HOH D 3 .  ? -5.530  -2.072  -0.688  1.00 44.62 ? 80 HOH A O     1 
HETATM 285 O  O     . HOH D 3 .  ? 2.724   9.406   -7.536  1.00 56.97 ? 81 HOH A O     1 
HETATM 286 O  O     . HOH D 3 .  ? -4.380  9.177   -1.716  1.00 59.21 ? 82 HOH A O     1 
HETATM 287 O  O     . HOH D 3 .  ? 9.245   2.262   -20.273 1.00 63.60 ? 83 HOH A O     1 
HETATM 288 O  O     . HOH D 3 .  ? -20.397 -3.240  -0.044  1.00 61.73 ? 84 HOH A O     1 
HETATM 289 O  O     . HOH D 3 .  ? 3.670   6.753   -13.525 0.50 55.05 ? 85 HOH A O     1 
HETATM 290 O  O     . HOH D 3 .  ? -0.695  4.010   -12.436 1.00 71.91 ? 86 HOH A O     1 
HETATM 291 O  O     . HOH D 3 .  ? 3.386   3.311   -18.138 1.00 63.53 ? 87 HOH A O     1 
HETATM 292 O  O     . HOH D 3 .  ? 3.964   8.379   -4.549  1.00 57.90 ? 88 HOH A O     1 
# 
